data_9IQF
#
_entry.id   9IQF
#
_cell.length_a   1.00
_cell.length_b   1.00
_cell.length_c   1.00
_cell.angle_alpha   90.00
_cell.angle_beta   90.00
_cell.angle_gamma   90.00
#
_symmetry.space_group_name_H-M   'P 1'
#
loop_
_entity.id
_entity.type
_entity.pdbx_description
1 polymer 'ABC transporter, ATP-binding protein'
2 polymer 'ABC transporter transmembrane region'
3 non-polymer "ADENOSINE-5'-DIPHOSPHATE"
#
loop_
_entity_poly.entity_id
_entity_poly.type
_entity_poly.pdbx_seq_one_letter_code
_entity_poly.pdbx_strand_id
1 'polypeptide(L)'
;MPEVVGSYFQSNMLWALLRQYVRPYRWLLAVVAVLQVISNMASLYLPTVNAAIIDDGVAKGDTARIVELGAVMLGVTALQ
VVCAVGAVFFGARAATGFGHDLRAAVFTHVTTFSAEEAGRFGAASLLTRTTNDVGHIQQLVQLTVTMLITAPIMSIGGIF
MALHQDAGLSWLLLVSVPVLGLANYWIIRHLMPVFTRMQSLIDGINRVLRDQLSGIRVIRAFAREPLERVRFAEANQTLS
DSALEAGRWQALMLPVTTLVINVSSVALIWFGGLRIDAGQMQVGSLIAFLAYFMQILMAVLMATFMLVIFPRAAVCADRI
GEVLSTQTAITNPADPVRPAAIAGDIGVHDATFCYPGADRPVLQDVSFTVPRGTTTAVVGSTGSGKSTLISLICRLYDVT
SGSLRIDGVDVRDLDIEQLWSAIGLVPQRGYLFSGTVAENLRYGRADATDDEMWEALRVAAAADFVRAHPQGLDMPVAQG
GINFSGGQRQRLAIARAVIRRPAIYLFDDAFSALDVHTDARVRDALREVAADATVVIVSQRISTVIEADQVVVIDDGRVV
GIGTHDTLLADCPIYAEFAESQALTAGEPR
;
A
2 'polypeptide(L)'
;MRRGALPQAPLERTRDFKGSAIRLARRLLPQRALTLAVILLGVGGIAIGVIGPRILGHATDLLFNGVIGRELPAGLTKEQ
AVEAARARGDGTFADLLSGMDIVPGQGVDFGAVGRTLALALGLYLVAALLVWVQARLLNVTVQRTMVALRAEVQEKIHRL
PLSYFDSRQRGEVLSRVTNDVDNIQNSVSMTISQLLTSVLTVFAVLVMMLTISPLLTLFTVVTVPASLWVTRWITRRSQP
LFVAQWRNTGRLAAHLEETYSGFTIVKTFGHREAAAGKFAELNSETQQSSFGAQFFSGLVSPATMFIGNLSYVAVAVVGG
LQVATGQITLGSIQAFIQYVRQFNQPLTQVAGMYNTLQSGIASAERVFDLLDTEEESADSPRRADVRTGRVEFEHVSFSY
VPGTPVIEDLSLVAEPGSTVAIVGPTGAGKTTLVNLLMRFYDVDSGRITIDGVDIASVSRESLRASIGMVLQDTWLFAGT
IYDNIAYGRPDADEDEVIEAATAAYVDRFVHTLPNGYDTRVDDDGGAISAGEKQLITIARAVLARPKLLVLDEATSSVDT
RTELLIAHAMAELRRDRTSFIIAHRLSTIRDADLILVMDSGRIIERGTHEELLARHGRYWEMTRVHLGGIKAFHHHHHHH
HHH
;
B
#
loop_
_chem_comp.id
_chem_comp.type
_chem_comp.name
_chem_comp.formula
ADP non-polymer ADENOSINE-5'-DIPHOSPHATE 'C10 H15 N5 O10 P2'
#
# COMPACT_ATOMS: atom_id res chain seq x y z
N SER A 11 -19.03 2.83 2.88
CA SER A 11 -20.36 3.33 3.23
C SER A 11 -20.37 4.85 3.30
N ASN A 12 -21.00 5.39 4.34
CA ASN A 12 -21.10 6.82 4.55
C ASN A 12 -19.99 7.39 5.42
N MET A 13 -19.03 6.56 5.84
CA MET A 13 -17.96 7.03 6.71
C MET A 13 -17.12 8.10 6.02
N LEU A 14 -16.91 7.96 4.71
CA LEU A 14 -16.15 8.96 3.98
C LEU A 14 -16.86 10.32 4.01
N TRP A 15 -18.17 10.33 3.80
CA TRP A 15 -18.90 11.59 3.76
C TRP A 15 -18.91 12.26 5.14
N ALA A 16 -19.02 11.48 6.21
CA ALA A 16 -18.96 12.05 7.54
C ALA A 16 -17.60 12.69 7.81
N LEU A 17 -16.53 11.99 7.46
CA LEU A 17 -15.19 12.53 7.66
C LEU A 17 -15.00 13.80 6.84
N LEU A 18 -15.47 13.81 5.60
CA LEU A 18 -15.40 15.02 4.78
C LEU A 18 -16.16 16.16 5.44
N ARG A 19 -17.48 16.01 5.59
CA ARG A 19 -18.28 17.08 6.14
C ARG A 19 -17.87 17.49 7.55
N GLN A 20 -17.01 16.71 8.21
CA GLN A 20 -16.43 17.15 9.47
C GLN A 20 -15.15 17.97 9.25
N TYR A 21 -14.26 17.51 8.36
CA TYR A 21 -12.92 18.07 8.32
C TYR A 21 -12.71 19.13 7.24
N VAL A 22 -13.46 19.08 6.13
CA VAL A 22 -13.36 20.14 5.12
C VAL A 22 -14.18 21.35 5.51
N ARG A 23 -14.87 21.29 6.65
CA ARG A 23 -15.68 22.42 7.10
C ARG A 23 -14.92 23.75 7.17
N PRO A 24 -13.70 23.83 7.70
CA PRO A 24 -12.97 25.10 7.68
C PRO A 24 -12.63 25.60 6.28
N TYR A 25 -12.88 24.81 5.24
CA TYR A 25 -12.50 25.17 3.88
C TYR A 25 -13.69 25.51 2.99
N ARG A 26 -14.84 25.84 3.59
CA ARG A 26 -15.92 26.45 2.82
C ARG A 26 -15.52 27.82 2.31
N TRP A 27 -14.56 28.46 2.97
CA TRP A 27 -14.01 29.73 2.50
C TRP A 27 -13.36 29.60 1.12
N LEU A 28 -13.01 28.39 0.72
CA LEU A 28 -12.27 28.16 -0.52
C LEU A 28 -13.01 27.27 -1.51
N LEU A 29 -13.69 26.21 -1.04
CA LEU A 29 -14.37 25.32 -1.96
C LEU A 29 -15.54 26.01 -2.65
N ALA A 30 -16.19 26.97 -1.97
CA ALA A 30 -17.23 27.74 -2.63
C ALA A 30 -16.67 28.56 -3.78
N VAL A 31 -15.51 29.18 -3.58
CA VAL A 31 -14.85 29.91 -4.65
C VAL A 31 -14.48 28.97 -5.79
N VAL A 32 -13.99 27.78 -5.45
CA VAL A 32 -13.66 26.78 -6.47
C VAL A 32 -14.89 26.46 -7.30
N ALA A 33 -16.02 26.23 -6.62
CA ALA A 33 -17.25 25.90 -7.32
C ALA A 33 -17.71 27.04 -8.22
N VAL A 34 -17.63 28.28 -7.72
CA VAL A 34 -18.06 29.42 -8.52
C VAL A 34 -17.20 29.56 -9.76
N LEU A 35 -15.88 29.40 -9.60
CA LEU A 35 -14.99 29.50 -10.75
C LEU A 35 -15.22 28.37 -11.75
N GLN A 36 -15.50 27.16 -11.26
CA GLN A 36 -15.83 26.07 -12.17
C GLN A 36 -17.11 26.37 -12.94
N VAL A 37 -18.12 26.92 -12.25
CA VAL A 37 -19.38 27.27 -12.90
C VAL A 37 -19.13 28.30 -14.00
N ILE A 38 -18.35 29.34 -13.69
CA ILE A 38 -18.13 30.37 -14.70
C ILE A 38 -17.30 29.82 -15.85
N SER A 39 -16.36 28.91 -15.58
CA SER A 39 -15.58 28.30 -16.64
C SER A 39 -16.46 27.51 -17.59
N ASN A 40 -17.35 26.68 -17.04
CA ASN A 40 -18.22 25.88 -17.91
C ASN A 40 -19.27 26.75 -18.60
N MET A 41 -19.74 27.80 -17.95
CA MET A 41 -20.65 28.73 -18.61
C MET A 41 -19.96 29.42 -19.78
N ALA A 42 -18.68 29.78 -19.62
CA ALA A 42 -17.94 30.33 -20.75
C ALA A 42 -17.75 29.29 -21.84
N SER A 43 -17.48 28.04 -21.45
CA SER A 43 -17.30 26.98 -22.43
C SER A 43 -18.58 26.71 -23.22
N LEU A 44 -19.75 26.98 -22.63
CA LEU A 44 -21.01 26.88 -23.36
C LEU A 44 -21.40 28.17 -24.06
N TYR A 45 -20.88 29.31 -23.61
CA TYR A 45 -21.07 30.56 -24.32
C TYR A 45 -20.28 30.58 -25.61
N LEU A 46 -19.18 29.81 -25.57
CA LEU A 46 -18.30 29.67 -26.76
C LEU A 46 -19.12 29.19 -27.95
N PRO A 47 -19.81 28.02 -27.95
CA PRO A 47 -20.54 27.62 -29.16
C PRO A 47 -21.82 28.38 -29.36
N THR A 48 -22.35 29.05 -28.33
CA THR A 48 -23.53 29.87 -28.53
C THR A 48 -23.25 31.01 -29.50
N VAL A 49 -22.18 31.77 -29.25
CA VAL A 49 -21.80 32.80 -30.20
C VAL A 49 -21.20 32.21 -31.47
N ASN A 50 -20.59 31.02 -31.41
CA ASN A 50 -20.26 30.31 -32.64
C ASN A 50 -21.50 30.17 -33.52
N ALA A 51 -22.61 29.71 -32.94
CA ALA A 51 -23.86 29.58 -33.68
C ALA A 51 -24.37 30.94 -34.13
N ALA A 52 -24.27 31.95 -33.27
CA ALA A 52 -24.70 33.29 -33.63
C ALA A 52 -23.95 33.81 -34.84
N ILE A 53 -22.72 33.34 -35.06
CA ILE A 53 -22.00 33.69 -36.27
C ILE A 53 -22.78 33.24 -37.50
N ILE A 54 -23.26 32.00 -37.49
CA ILE A 54 -24.05 31.51 -38.62
C ILE A 54 -25.40 32.21 -38.69
N ASP A 55 -26.04 32.40 -37.54
CA ASP A 55 -27.39 32.96 -37.53
C ASP A 55 -27.43 34.36 -38.11
N ASP A 56 -26.45 35.19 -37.78
CA ASP A 56 -26.41 36.57 -38.23
C ASP A 56 -25.35 36.81 -39.31
N GLY A 57 -24.10 36.46 -39.02
CA GLY A 57 -23.03 36.77 -39.96
C GLY A 57 -23.15 36.01 -41.27
N VAL A 58 -23.43 34.71 -41.21
CA VAL A 58 -23.56 33.92 -42.43
C VAL A 58 -24.82 34.29 -43.18
N ALA A 59 -25.94 34.43 -42.48
CA ALA A 59 -27.19 34.76 -43.15
C ALA A 59 -27.11 36.11 -43.84
N LYS A 60 -26.53 37.10 -43.17
CA LYS A 60 -26.35 38.41 -43.79
C LYS A 60 -25.10 38.48 -44.65
N GLY A 61 -24.19 37.51 -44.54
CA GLY A 61 -22.98 37.51 -45.32
C GLY A 61 -21.92 38.48 -44.85
N ASP A 62 -22.09 39.09 -43.68
CA ASP A 62 -21.16 40.09 -43.17
C ASP A 62 -19.95 39.38 -42.57
N THR A 63 -18.84 39.36 -43.30
CA THR A 63 -17.62 38.77 -42.76
C THR A 63 -17.07 39.59 -41.60
N ALA A 64 -17.40 40.88 -41.55
CA ALA A 64 -17.01 41.68 -40.39
C ALA A 64 -17.63 41.10 -39.12
N ARG A 65 -18.96 40.96 -39.11
CA ARG A 65 -19.62 40.35 -37.96
C ARG A 65 -18.92 39.06 -37.56
N ILE A 66 -18.45 38.30 -38.54
CA ILE A 66 -17.67 37.10 -38.24
C ILE A 66 -16.39 37.46 -37.48
N VAL A 67 -15.68 38.50 -37.92
CA VAL A 67 -14.37 38.77 -37.31
C VAL A 67 -14.53 39.34 -35.89
N GLU A 68 -15.48 40.25 -35.69
CA GLU A 68 -15.69 40.70 -34.30
C GLU A 68 -16.30 39.60 -33.42
N LEU A 69 -17.13 38.72 -33.97
CA LEU A 69 -17.56 37.58 -33.19
C LEU A 69 -16.40 36.64 -32.86
N GLY A 70 -15.39 36.57 -33.73
CA GLY A 70 -14.18 35.85 -33.39
C GLY A 70 -13.38 36.52 -32.29
N ALA A 71 -13.33 37.85 -32.30
CA ALA A 71 -12.69 38.56 -31.20
C ALA A 71 -13.39 38.25 -29.87
N VAL A 72 -14.73 38.24 -29.89
CA VAL A 72 -15.49 37.87 -28.70
C VAL A 72 -15.24 36.42 -28.35
N MET A 73 -15.09 35.56 -29.37
CA MET A 73 -14.79 34.16 -29.19
C MET A 73 -13.51 34.01 -28.34
N LEU A 74 -12.46 34.71 -28.77
CA LEU A 74 -11.18 34.67 -28.08
C LEU A 74 -11.29 35.24 -26.67
N GLY A 75 -12.02 36.33 -26.50
CA GLY A 75 -12.22 36.87 -25.17
C GLY A 75 -12.87 35.87 -24.24
N VAL A 76 -13.90 35.18 -24.72
CA VAL A 76 -14.61 34.21 -23.90
C VAL A 76 -13.71 33.06 -23.53
N THR A 77 -12.94 32.54 -24.50
CA THR A 77 -12.09 31.40 -24.17
C THR A 77 -10.95 31.80 -23.23
N ALA A 78 -10.44 33.03 -23.35
CA ALA A 78 -9.42 33.50 -22.41
C ALA A 78 -9.99 33.62 -21.00
N LEU A 79 -11.20 34.16 -20.88
CA LEU A 79 -11.85 34.21 -19.57
C LEU A 79 -12.02 32.80 -19.02
N GLN A 80 -12.43 31.86 -19.87
CA GLN A 80 -12.63 30.49 -19.44
C GLN A 80 -11.34 29.89 -18.90
N VAL A 81 -10.24 30.07 -19.63
CA VAL A 81 -9.00 29.43 -19.19
C VAL A 81 -8.49 30.07 -17.90
N VAL A 82 -8.58 31.40 -17.78
CA VAL A 82 -8.06 32.03 -16.58
C VAL A 82 -8.87 31.62 -15.36
N CYS A 83 -10.20 31.60 -15.48
CA CYS A 83 -11.00 31.21 -14.32
C CYS A 83 -10.86 29.72 -14.04
N ALA A 84 -10.65 28.89 -15.06
CA ALA A 84 -10.46 27.46 -14.83
C ALA A 84 -9.14 27.18 -14.12
N VAL A 85 -8.06 27.84 -14.53
CA VAL A 85 -6.78 27.62 -13.86
C VAL A 85 -6.84 28.17 -12.43
N GLY A 86 -7.55 29.28 -12.23
CA GLY A 86 -7.77 29.75 -10.86
C GLY A 86 -8.53 28.75 -10.02
N ALA A 87 -9.56 28.14 -10.60
CA ALA A 87 -10.33 27.12 -9.88
C ALA A 87 -9.45 25.93 -9.52
N VAL A 88 -8.62 25.47 -10.46
CA VAL A 88 -7.72 24.36 -10.16
C VAL A 88 -6.75 24.72 -9.05
N PHE A 89 -6.19 25.94 -9.12
CA PHE A 89 -5.28 26.41 -8.08
C PHE A 89 -5.94 26.39 -6.70
N PHE A 90 -7.12 26.99 -6.60
CA PHE A 90 -7.79 27.08 -5.30
C PHE A 90 -8.24 25.70 -4.82
N GLY A 91 -8.68 24.83 -5.73
CA GLY A 91 -9.05 23.49 -5.33
C GLY A 91 -7.86 22.69 -4.82
N ALA A 92 -6.70 22.85 -5.47
CA ALA A 92 -5.49 22.20 -4.98
C ALA A 92 -5.13 22.70 -3.59
N ARG A 93 -5.24 24.01 -3.37
CA ARG A 93 -4.98 24.56 -2.04
C ARG A 93 -5.92 23.96 -1.01
N ALA A 94 -7.21 23.90 -1.34
CA ALA A 94 -8.18 23.35 -0.39
C ALA A 94 -7.92 21.89 -0.08
N ALA A 95 -7.61 21.10 -1.12
CA ALA A 95 -7.35 19.68 -0.90
C ALA A 95 -6.10 19.46 -0.05
N THR A 96 -5.05 20.24 -0.31
CA THR A 96 -3.83 20.10 0.49
C THR A 96 -4.06 20.54 1.93
N GLY A 97 -4.84 21.59 2.14
CA GLY A 97 -5.18 21.98 3.50
C GLY A 97 -5.98 20.91 4.22
N PHE A 98 -6.92 20.30 3.51
CA PHE A 98 -7.70 19.20 4.08
C PHE A 98 -6.79 18.04 4.47
N GLY A 99 -5.85 17.68 3.59
CA GLY A 99 -4.93 16.61 3.90
C GLY A 99 -4.06 16.92 5.10
N HIS A 100 -3.55 18.15 5.17
CA HIS A 100 -2.73 18.56 6.31
C HIS A 100 -3.51 18.48 7.61
N ASP A 101 -4.74 18.99 7.60
CA ASP A 101 -5.56 18.95 8.81
C ASP A 101 -5.89 17.52 9.21
N LEU A 102 -6.19 16.65 8.24
CA LEU A 102 -6.48 15.27 8.55
C LEU A 102 -5.26 14.57 9.16
N ARG A 103 -4.08 14.80 8.58
CA ARG A 103 -2.86 14.20 9.13
C ARG A 103 -2.62 14.68 10.55
N ALA A 104 -2.75 15.99 10.78
CA ALA A 104 -2.51 16.53 12.11
C ALA A 104 -3.49 15.96 13.13
N ALA A 105 -4.78 15.90 12.76
CA ALA A 105 -5.77 15.36 13.68
C ALA A 105 -5.53 13.88 13.97
N VAL A 106 -5.20 13.11 12.94
CA VAL A 106 -4.95 11.68 13.15
C VAL A 106 -3.76 11.48 14.08
N PHE A 107 -2.67 12.20 13.84
CA PHE A 107 -1.50 12.05 14.69
C PHE A 107 -1.80 12.48 16.12
N THR A 108 -2.47 13.62 16.29
CA THR A 108 -2.77 14.11 17.63
C THR A 108 -3.66 13.12 18.38
N HIS A 109 -4.66 12.57 17.71
CA HIS A 109 -5.54 11.61 18.37
C HIS A 109 -4.81 10.31 18.70
N VAL A 110 -3.91 9.87 17.82
CA VAL A 110 -3.26 8.58 18.05
C VAL A 110 -2.18 8.69 19.11
N THR A 111 -1.61 9.88 19.32
CA THR A 111 -0.66 10.04 20.41
C THR A 111 -1.30 9.81 21.77
N THR A 112 -2.61 10.01 21.89
CA THR A 112 -3.29 9.74 23.15
C THR A 112 -3.42 8.24 23.44
N PHE A 113 -3.09 7.38 22.47
CA PHE A 113 -3.20 5.96 22.68
C PHE A 113 -2.16 5.46 23.69
N SER A 114 -2.41 4.29 24.24
CA SER A 114 -1.44 3.59 25.06
C SER A 114 -0.83 2.45 24.25
N ALA A 115 -0.01 1.63 24.92
CA ALA A 115 0.61 0.49 24.26
C ALA A 115 -0.45 -0.52 23.82
N GLU A 116 -1.56 -0.63 24.55
CA GLU A 116 -2.59 -1.58 24.20
C GLU A 116 -3.17 -1.29 22.82
N GLU A 117 -3.57 -0.04 22.59
CA GLU A 117 -4.13 0.33 21.30
C GLU A 117 -3.09 0.26 20.19
N ALA A 118 -1.83 0.60 20.50
CA ALA A 118 -0.76 0.50 19.51
C ALA A 118 -0.57 -0.94 19.05
N GLY A 119 -0.57 -1.88 19.99
CA GLY A 119 -0.54 -3.28 19.62
C GLY A 119 -1.78 -3.72 18.89
N ARG A 120 -2.94 -3.17 19.27
CA ARG A 120 -4.19 -3.51 18.62
C ARG A 120 -4.16 -3.14 17.14
N PHE A 121 -3.58 -1.98 16.82
CA PHE A 121 -3.49 -1.51 15.44
C PHE A 121 -2.21 -1.95 14.74
N GLY A 122 -1.08 -1.93 15.44
CA GLY A 122 0.19 -2.26 14.82
C GLY A 122 0.88 -1.03 14.27
N ALA A 123 2.21 -0.98 14.41
CA ALA A 123 2.95 0.22 14.01
C ALA A 123 2.90 0.43 12.50
N ALA A 124 3.22 -0.61 11.73
CA ALA A 124 3.26 -0.46 10.28
C ALA A 124 1.88 -0.15 9.70
N SER A 125 0.85 -0.85 10.18
CA SER A 125 -0.51 -0.56 9.72
C SER A 125 -0.92 0.86 10.10
N LEU A 126 -0.59 1.29 11.31
CA LEU A 126 -0.91 2.65 11.73
C LEU A 126 -0.25 3.68 10.83
N LEU A 127 1.04 3.48 10.52
CA LEU A 127 1.75 4.45 9.71
C LEU A 127 1.23 4.47 8.29
N THR A 128 1.01 3.31 7.68
CA THR A 128 0.48 3.30 6.32
C THR A 128 -0.89 3.93 6.28
N ARG A 129 -1.70 3.70 7.32
CA ARG A 129 -3.01 4.32 7.40
C ARG A 129 -2.90 5.84 7.47
N THR A 130 -1.96 6.34 8.27
CA THR A 130 -1.85 7.78 8.47
C THR A 130 -1.02 8.48 7.40
N THR A 131 -0.40 7.74 6.47
CA THR A 131 0.41 8.40 5.44
C THR A 131 -0.03 8.12 4.02
N ASN A 132 -0.77 7.04 3.75
CA ASN A 132 -1.21 6.73 2.39
C ASN A 132 -2.72 6.82 2.22
N ASP A 133 -3.48 6.39 3.22
CA ASP A 133 -4.94 6.52 3.13
C ASP A 133 -5.37 7.97 3.10
N VAL A 134 -4.75 8.82 3.92
CA VAL A 134 -5.06 10.24 3.89
C VAL A 134 -4.65 10.84 2.55
N GLY A 135 -3.53 10.37 1.98
CA GLY A 135 -3.15 10.82 0.66
C GLY A 135 -4.16 10.45 -0.40
N HIS A 136 -4.68 9.23 -0.35
CA HIS A 136 -5.72 8.82 -1.28
C HIS A 136 -6.98 9.66 -1.11
N ILE A 137 -7.34 9.94 0.15
CA ILE A 137 -8.54 10.74 0.39
C ILE A 137 -8.38 12.15 -0.18
N GLN A 138 -7.22 12.78 0.05
CA GLN A 138 -7.01 14.12 -0.49
C GLN A 138 -6.91 14.09 -2.01
N GLN A 139 -6.38 13.01 -2.56
CA GLN A 139 -6.36 12.85 -4.02
C GLN A 139 -7.76 12.85 -4.58
N LEU A 140 -8.65 12.08 -3.95
CA LEU A 140 -10.05 12.06 -4.39
C LEU A 140 -10.71 13.41 -4.20
N VAL A 141 -10.40 14.10 -3.10
CA VAL A 141 -10.99 15.42 -2.86
C VAL A 141 -10.59 16.38 -3.97
N GLN A 142 -9.30 16.41 -4.32
CA GLN A 142 -8.88 17.32 -5.38
C GLN A 142 -9.49 16.93 -6.72
N LEU A 143 -9.55 15.64 -7.02
CA LEU A 143 -10.13 15.20 -8.30
C LEU A 143 -11.60 15.55 -8.38
N THR A 144 -12.34 15.42 -7.28
CA THR A 144 -13.76 15.73 -7.33
C THR A 144 -14.01 17.24 -7.32
N VAL A 145 -13.11 18.04 -6.75
CA VAL A 145 -13.32 19.49 -6.77
C VAL A 145 -12.73 20.14 -8.01
N THR A 146 -11.95 19.41 -8.80
CA THR A 146 -11.34 19.98 -9.99
C THR A 146 -11.74 19.28 -11.28
N MET A 147 -12.09 18.00 -11.23
CA MET A 147 -12.35 17.22 -12.44
C MET A 147 -13.75 16.64 -12.48
N LEU A 148 -14.23 16.08 -11.37
CA LEU A 148 -15.48 15.32 -11.39
C LEU A 148 -16.69 16.24 -11.47
N ILE A 149 -16.68 17.35 -10.73
CA ILE A 149 -17.85 18.22 -10.64
C ILE A 149 -18.12 18.90 -11.96
N THR A 150 -17.27 18.68 -12.95
CA THR A 150 -17.52 19.23 -14.28
C THR A 150 -18.84 18.73 -14.84
N ALA A 151 -19.09 17.42 -14.74
CA ALA A 151 -20.29 16.84 -15.33
C ALA A 151 -21.59 17.39 -14.77
N PRO A 152 -21.80 17.44 -13.44
CA PRO A 152 -23.05 18.05 -12.96
C PRO A 152 -23.17 19.52 -13.30
N ILE A 153 -22.08 20.27 -13.17
CA ILE A 153 -22.09 21.67 -13.57
C ILE A 153 -22.34 21.78 -15.07
N MET A 154 -21.78 20.85 -15.84
CA MET A 154 -22.02 20.85 -17.29
C MET A 154 -23.50 20.66 -17.59
N SER A 155 -24.15 19.72 -16.90
CA SER A 155 -25.57 19.47 -17.14
C SER A 155 -26.41 20.68 -16.75
N ILE A 156 -26.11 21.28 -15.60
CA ILE A 156 -26.86 22.46 -15.16
C ILE A 156 -26.67 23.60 -16.15
N GLY A 157 -25.44 23.83 -16.59
CA GLY A 157 -25.20 24.86 -17.57
C GLY A 157 -25.88 24.58 -18.90
N GLY A 158 -25.90 23.32 -19.31
CA GLY A 158 -26.57 22.98 -20.55
C GLY A 158 -28.06 23.26 -20.51
N ILE A 159 -28.72 22.84 -19.42
CA ILE A 159 -30.15 23.08 -19.32
C ILE A 159 -30.43 24.58 -19.20
N PHE A 160 -29.61 25.30 -18.42
CA PHE A 160 -29.82 26.73 -18.26
C PHE A 160 -29.64 27.47 -19.58
N MET A 161 -28.61 27.12 -20.35
CA MET A 161 -28.37 27.81 -21.61
C MET A 161 -29.37 27.39 -22.68
N ALA A 162 -29.88 26.16 -22.62
CA ALA A 162 -30.97 25.78 -23.52
C ALA A 162 -32.22 26.58 -23.22
N LEU A 163 -32.52 26.80 -21.94
CA LEU A 163 -33.64 27.67 -21.59
C LEU A 163 -33.38 29.09 -22.06
N HIS A 164 -32.14 29.57 -21.93
CA HIS A 164 -31.81 30.91 -22.39
C HIS A 164 -31.97 31.07 -23.89
N GLN A 165 -31.60 30.04 -24.66
CA GLN A 165 -31.69 30.12 -26.12
C GLN A 165 -33.13 30.28 -26.57
N ASP A 166 -34.03 29.45 -26.05
CA ASP A 166 -35.44 29.53 -26.40
C ASP A 166 -36.27 28.83 -25.33
N ALA A 167 -37.57 29.13 -25.33
CA ALA A 167 -38.53 28.44 -24.49
C ALA A 167 -39.15 27.23 -25.18
N GLY A 168 -38.68 26.89 -26.38
CA GLY A 168 -39.22 25.79 -27.14
C GLY A 168 -38.37 24.55 -27.05
N LEU A 169 -37.53 24.34 -28.07
CA LEU A 169 -36.76 23.11 -28.23
C LEU A 169 -35.97 22.72 -26.97
N SER A 170 -35.82 23.63 -26.02
CA SER A 170 -35.09 23.32 -24.79
C SER A 170 -35.71 22.17 -24.02
N TRP A 171 -37.01 21.91 -24.22
CA TRP A 171 -37.65 20.81 -23.50
C TRP A 171 -37.04 19.47 -23.85
N LEU A 172 -36.58 19.31 -25.09
CA LEU A 172 -35.98 18.04 -25.48
C LEU A 172 -34.66 17.80 -24.74
N LEU A 173 -33.85 18.85 -24.60
CA LEU A 173 -32.65 18.71 -23.77
C LEU A 173 -33.01 18.47 -22.32
N LEU A 174 -34.02 19.17 -21.82
CA LEU A 174 -34.44 19.02 -20.43
C LEU A 174 -34.97 17.64 -20.12
N VAL A 175 -35.48 16.93 -21.13
CA VAL A 175 -35.92 15.56 -20.94
C VAL A 175 -34.85 14.54 -21.31
N SER A 176 -33.83 14.95 -22.09
CA SER A 176 -32.79 14.01 -22.47
C SER A 176 -31.70 13.89 -21.40
N VAL A 177 -31.34 14.99 -20.74
CA VAL A 177 -30.30 14.92 -19.71
C VAL A 177 -30.68 14.05 -18.52
N PRO A 178 -31.90 14.11 -17.97
CA PRO A 178 -32.16 13.33 -16.75
C PRO A 178 -32.10 11.84 -16.95
N VAL A 179 -32.48 11.33 -18.14
CA VAL A 179 -32.36 9.90 -18.37
C VAL A 179 -30.90 9.49 -18.43
N LEU A 180 -30.05 10.39 -18.90
CA LEU A 180 -28.60 10.08 -18.90
C LEU A 180 -28.20 9.95 -17.44
N GLY A 181 -28.52 10.98 -16.67
CA GLY A 181 -28.12 10.95 -15.28
C GLY A 181 -28.63 9.70 -14.56
N LEU A 182 -29.86 9.32 -14.84
CA LEU A 182 -30.44 8.13 -14.22
C LEU A 182 -29.69 6.87 -14.64
N ALA A 183 -29.32 6.77 -15.92
CA ALA A 183 -28.56 5.62 -16.39
C ALA A 183 -27.19 5.57 -15.72
N ASN A 184 -26.55 6.72 -15.61
CA ASN A 184 -25.23 6.78 -14.92
C ASN A 184 -25.42 6.25 -13.50
N TYR A 185 -26.39 6.81 -12.76
CA TYR A 185 -26.59 6.42 -11.38
C TYR A 185 -26.91 4.93 -11.27
N TRP A 186 -27.71 4.41 -12.19
CA TRP A 186 -28.05 2.99 -12.18
C TRP A 186 -26.80 2.13 -12.35
N ILE A 187 -25.92 2.52 -13.27
CA ILE A 187 -24.68 1.76 -13.47
C ILE A 187 -23.83 1.82 -12.20
N ILE A 188 -23.63 3.03 -11.67
CA ILE A 188 -22.70 3.19 -10.56
C ILE A 188 -23.20 2.50 -9.29
N ARG A 189 -24.52 2.51 -9.06
CA ARG A 189 -25.06 1.88 -7.87
C ARG A 189 -24.73 0.39 -7.83
N HIS A 190 -24.85 -0.29 -8.97
CA HIS A 190 -24.46 -1.69 -9.03
C HIS A 190 -22.94 -1.84 -8.99
N LEU A 191 -22.21 -0.91 -9.61
CA LEU A 191 -20.78 -1.13 -9.82
C LEU A 191 -19.97 -0.90 -8.55
N MET A 192 -20.39 0.02 -7.69
CA MET A 192 -19.58 0.37 -6.52
C MET A 192 -19.31 -0.81 -5.59
N PRO A 193 -20.31 -1.61 -5.18
CA PRO A 193 -19.98 -2.78 -4.34
C PRO A 193 -19.04 -3.74 -5.01
N VAL A 194 -19.12 -3.87 -6.34
CA VAL A 194 -18.17 -4.69 -7.07
C VAL A 194 -16.76 -4.14 -6.89
N PHE A 195 -16.62 -2.81 -6.91
CA PHE A 195 -15.30 -2.21 -6.70
C PHE A 195 -14.78 -2.44 -5.28
N THR A 196 -15.66 -2.33 -4.28
CA THR A 196 -15.16 -2.53 -2.91
C THR A 196 -14.77 -4.00 -2.69
N ARG A 197 -15.53 -4.94 -3.27
CA ARG A 197 -15.12 -6.33 -3.21
C ARG A 197 -13.83 -6.55 -4.00
N MET A 198 -13.65 -5.82 -5.10
CA MET A 198 -12.39 -5.84 -5.84
C MET A 198 -11.23 -5.47 -4.94
N GLN A 199 -11.37 -4.37 -4.19
CA GLN A 199 -10.28 -3.93 -3.31
C GLN A 199 -10.04 -4.94 -2.20
N SER A 200 -11.11 -5.53 -1.66
CA SER A 200 -10.95 -6.55 -0.63
C SER A 200 -10.16 -7.74 -1.15
N LEU A 201 -10.51 -8.23 -2.34
CA LEU A 201 -9.80 -9.37 -2.91
C LEU A 201 -8.36 -9.01 -3.27
N ILE A 202 -8.13 -7.78 -3.73
CA ILE A 202 -6.78 -7.33 -4.04
C ILE A 202 -5.92 -7.34 -2.78
N ASP A 203 -6.46 -6.81 -1.68
CA ASP A 203 -5.73 -6.84 -0.43
C ASP A 203 -5.47 -8.26 0.03
N GLY A 204 -6.46 -9.15 -0.11
CA GLY A 204 -6.26 -10.54 0.27
C GLY A 204 -5.17 -11.22 -0.52
N ILE A 205 -5.16 -11.04 -1.84
CA ILE A 205 -4.15 -11.69 -2.67
C ILE A 205 -2.77 -11.09 -2.40
N ASN A 206 -2.70 -9.79 -2.13
CA ASN A 206 -1.41 -9.20 -1.76
C ASN A 206 -0.92 -9.77 -0.44
N ARG A 207 -1.82 -9.96 0.53
CA ARG A 207 -1.43 -10.59 1.79
C ARG A 207 -0.92 -11.99 1.57
N VAL A 208 -1.59 -12.75 0.69
CA VAL A 208 -1.17 -14.12 0.40
C VAL A 208 0.24 -14.12 -0.19
N LEU A 209 0.48 -13.24 -1.17
CA LEU A 209 1.80 -13.16 -1.78
C LEU A 209 2.86 -12.76 -0.78
N ARG A 210 2.56 -11.77 0.06
CA ARG A 210 3.53 -11.32 1.05
C ARG A 210 3.87 -12.43 2.03
N ASP A 211 2.86 -13.17 2.49
CA ASP A 211 3.10 -14.27 3.41
C ASP A 211 3.93 -15.38 2.74
N GLN A 212 3.63 -15.68 1.47
CA GLN A 212 4.36 -16.73 0.78
C GLN A 212 5.82 -16.35 0.57
N LEU A 213 6.07 -15.12 0.11
CA LEU A 213 7.45 -14.69 -0.09
C LEU A 213 8.21 -14.58 1.22
N SER A 214 7.55 -14.12 2.28
CA SER A 214 8.23 -14.01 3.57
C SER A 214 8.65 -15.37 4.10
N GLY A 215 7.87 -16.41 3.81
CA GLY A 215 8.20 -17.74 4.27
C GLY A 215 9.25 -18.44 3.43
N ILE A 216 8.95 -18.65 2.15
CA ILE A 216 9.76 -19.36 1.17
C ILE A 216 10.54 -20.52 1.77
N ARG A 217 11.47 -20.23 2.68
CA ARG A 217 12.28 -21.29 3.29
C ARG A 217 11.41 -22.30 4.02
N VAL A 218 10.52 -21.81 4.89
CA VAL A 218 9.67 -22.69 5.67
C VAL A 218 8.67 -23.41 4.76
N ILE A 219 8.18 -22.72 3.72
CA ILE A 219 7.21 -23.31 2.82
C ILE A 219 7.82 -24.48 2.08
N ARG A 220 9.04 -24.29 1.53
CA ARG A 220 9.72 -25.40 0.88
C ARG A 220 10.09 -26.48 1.88
N ALA A 221 10.38 -26.10 3.12
CA ALA A 221 10.73 -27.10 4.14
C ALA A 221 9.57 -28.05 4.40
N PHE A 222 8.40 -27.50 4.70
CA PHE A 222 7.22 -28.33 4.95
C PHE A 222 6.62 -28.90 3.67
N ALA A 223 7.06 -28.44 2.50
CA ALA A 223 6.59 -28.95 1.22
C ALA A 223 5.07 -28.87 1.10
N ARG A 224 4.52 -27.73 1.52
CA ARG A 224 3.08 -27.48 1.40
C ARG A 224 2.71 -26.86 0.05
N GLU A 225 3.54 -27.14 -0.96
CA GLU A 225 3.26 -26.60 -2.31
C GLU A 225 1.81 -26.95 -2.71
N PRO A 226 1.32 -28.21 -2.66
CA PRO A 226 -0.05 -28.49 -3.11
C PRO A 226 -1.09 -27.58 -2.47
N LEU A 227 -0.95 -27.24 -1.20
CA LEU A 227 -1.91 -26.36 -0.54
C LEU A 227 -1.73 -24.91 -0.97
N GLU A 228 -0.50 -24.44 -1.06
CA GLU A 228 -0.27 -23.05 -1.46
C GLU A 228 -0.73 -22.80 -2.87
N ARG A 229 -0.49 -23.76 -3.78
CA ARG A 229 -0.92 -23.60 -5.16
C ARG A 229 -2.43 -23.46 -5.26
N VAL A 230 -3.17 -24.34 -4.57
CA VAL A 230 -4.63 -24.28 -4.67
C VAL A 230 -5.17 -23.05 -3.96
N ARG A 231 -4.53 -22.61 -2.87
CA ARG A 231 -4.98 -21.39 -2.20
C ARG A 231 -4.81 -20.18 -3.10
N PHE A 232 -3.65 -20.05 -3.73
CA PHE A 232 -3.44 -18.95 -4.67
C PHE A 232 -4.41 -19.07 -5.85
N ALA A 233 -4.65 -20.29 -6.32
CA ALA A 233 -5.55 -20.47 -7.45
C ALA A 233 -6.96 -20.02 -7.12
N GLU A 234 -7.47 -20.38 -5.94
CA GLU A 234 -8.81 -19.98 -5.57
C GLU A 234 -8.89 -18.47 -5.33
N ALA A 235 -7.85 -17.89 -4.72
CA ALA A 235 -7.85 -16.44 -4.52
C ALA A 235 -7.88 -15.71 -5.85
N ASN A 236 -7.03 -16.15 -6.80
CA ASN A 236 -6.99 -15.51 -8.11
C ASN A 236 -8.28 -15.74 -8.87
N GLN A 237 -8.91 -16.91 -8.71
CA GLN A 237 -10.16 -17.16 -9.41
C GLN A 237 -11.29 -16.29 -8.87
N THR A 238 -11.33 -16.10 -7.56
CA THR A 238 -12.32 -15.18 -6.99
C THR A 238 -12.07 -13.75 -7.46
N LEU A 239 -10.79 -13.34 -7.50
CA LEU A 239 -10.48 -12.02 -8.03
C LEU A 239 -10.90 -11.89 -9.49
N SER A 240 -10.73 -12.96 -10.27
CA SER A 240 -11.14 -12.94 -11.66
C SER A 240 -12.66 -12.86 -11.80
N ASP A 241 -13.40 -13.54 -10.93
CA ASP A 241 -14.85 -13.43 -10.95
C ASP A 241 -15.28 -12.00 -10.66
N SER A 242 -14.68 -11.39 -9.64
CA SER A 242 -14.96 -9.99 -9.36
C SER A 242 -14.57 -9.10 -10.54
N ALA A 243 -13.47 -9.45 -11.22
CA ALA A 243 -13.02 -8.67 -12.37
C ALA A 243 -14.04 -8.73 -13.50
N LEU A 244 -14.57 -9.91 -13.78
CA LEU A 244 -15.59 -10.03 -14.82
C LEU A 244 -16.86 -9.27 -14.43
N GLU A 245 -17.24 -9.36 -13.14
CA GLU A 245 -18.43 -8.64 -12.69
C GLU A 245 -18.26 -7.13 -12.87
N ALA A 246 -17.08 -6.61 -12.51
CA ALA A 246 -16.82 -5.18 -12.70
C ALA A 246 -16.76 -4.82 -14.18
N GLY A 247 -16.14 -5.68 -14.98
CA GLY A 247 -15.98 -5.41 -16.39
C GLY A 247 -17.30 -5.36 -17.14
N ARG A 248 -18.28 -6.15 -16.70
CA ARG A 248 -19.59 -6.09 -17.34
C ARG A 248 -20.18 -4.67 -17.25
N TRP A 249 -20.21 -4.11 -16.04
CA TRP A 249 -20.74 -2.77 -15.88
C TRP A 249 -19.84 -1.72 -16.53
N GLN A 250 -18.53 -1.91 -16.46
CA GLN A 250 -17.64 -0.96 -17.12
C GLN A 250 -17.86 -0.93 -18.62
N ALA A 251 -18.09 -2.11 -19.22
CA ALA A 251 -18.40 -2.17 -20.64
C ALA A 251 -19.78 -1.59 -20.95
N LEU A 252 -20.73 -1.74 -20.03
CA LEU A 252 -22.01 -1.05 -20.20
C LEU A 252 -21.89 0.46 -20.09
N MET A 253 -20.85 0.96 -19.41
CA MET A 253 -20.80 2.38 -19.06
C MET A 253 -20.81 3.30 -20.29
N LEU A 254 -19.77 3.21 -21.11
CA LEU A 254 -19.65 4.16 -22.22
C LEU A 254 -20.77 4.03 -23.25
N PRO A 255 -21.13 2.83 -23.73
CA PRO A 255 -22.13 2.76 -24.81
C PRO A 255 -23.48 3.39 -24.46
N VAL A 256 -23.95 3.27 -23.22
CA VAL A 256 -25.25 3.85 -22.90
C VAL A 256 -25.19 5.37 -22.97
N THR A 257 -24.11 5.97 -22.47
CA THR A 257 -23.96 7.42 -22.56
C THR A 257 -23.86 7.88 -24.01
N THR A 258 -23.05 7.17 -24.80
CA THR A 258 -22.90 7.55 -26.21
C THR A 258 -24.23 7.42 -26.96
N LEU A 259 -24.96 6.33 -26.70
CA LEU A 259 -26.25 6.14 -27.36
C LEU A 259 -27.25 7.20 -26.94
N VAL A 260 -27.26 7.57 -25.66
CA VAL A 260 -28.17 8.60 -25.19
C VAL A 260 -27.86 9.92 -25.87
N ILE A 261 -26.58 10.29 -25.94
CA ILE A 261 -26.21 11.54 -26.60
C ILE A 261 -26.59 11.51 -28.07
N ASN A 262 -26.35 10.40 -28.75
CA ASN A 262 -26.65 10.31 -30.17
C ASN A 262 -28.15 10.37 -30.44
N VAL A 263 -28.95 9.67 -29.63
CA VAL A 263 -30.40 9.72 -29.83
C VAL A 263 -30.93 11.10 -29.50
N SER A 264 -30.35 11.75 -28.49
CA SER A 264 -30.72 13.14 -28.21
C SER A 264 -30.43 14.03 -29.41
N SER A 265 -29.28 13.83 -30.05
CA SER A 265 -28.92 14.64 -31.22
C SER A 265 -29.86 14.39 -32.39
N VAL A 266 -30.18 13.12 -32.66
CA VAL A 266 -31.05 12.83 -33.81
C VAL A 266 -32.45 13.37 -33.57
N ALA A 267 -33.01 13.17 -32.38
CA ALA A 267 -34.31 13.77 -32.06
C ALA A 267 -34.22 15.29 -32.06
N LEU A 268 -33.07 15.84 -31.69
CA LEU A 268 -32.85 17.28 -31.73
C LEU A 268 -33.02 17.81 -33.15
N ILE A 269 -32.34 17.20 -34.11
CA ILE A 269 -32.47 17.64 -35.49
C ILE A 269 -33.89 17.44 -35.99
N TRP A 270 -34.49 16.29 -35.66
CA TRP A 270 -35.83 15.98 -36.15
C TRP A 270 -36.85 17.01 -35.66
N PHE A 271 -36.79 17.36 -34.38
CA PHE A 271 -37.74 18.33 -33.84
C PHE A 271 -37.39 19.76 -34.25
N GLY A 272 -36.10 20.08 -34.39
CA GLY A 272 -35.72 21.42 -34.77
C GLY A 272 -36.12 21.77 -36.19
N GLY A 273 -36.01 20.82 -37.11
CA GLY A 273 -36.37 21.09 -38.49
C GLY A 273 -37.81 21.53 -38.65
N LEU A 274 -38.72 20.86 -37.94
CA LEU A 274 -40.14 21.20 -38.03
C LEU A 274 -40.39 22.64 -37.58
N ARG A 275 -39.79 23.03 -36.45
CA ARG A 275 -40.01 24.39 -35.95
C ARG A 275 -39.31 25.43 -36.82
N ILE A 276 -38.17 25.09 -37.42
CA ILE A 276 -37.51 26.04 -38.31
C ILE A 276 -38.35 26.23 -39.57
N ASP A 277 -39.00 25.17 -40.06
CA ASP A 277 -39.87 25.31 -41.21
C ASP A 277 -41.00 26.30 -40.94
N ALA A 278 -41.57 26.25 -39.74
CA ALA A 278 -42.56 27.23 -39.33
C ALA A 278 -41.95 28.59 -39.03
N GLY A 279 -40.63 28.69 -38.97
CA GLY A 279 -39.97 29.95 -38.69
C GLY A 279 -39.78 30.27 -37.23
N GLN A 280 -40.16 29.36 -36.32
CA GLN A 280 -40.01 29.63 -34.89
C GLN A 280 -38.58 29.44 -34.40
N MET A 281 -37.74 28.75 -35.16
CA MET A 281 -36.39 28.42 -34.72
C MET A 281 -35.40 28.72 -35.83
N GLN A 282 -34.17 29.08 -35.44
CA GLN A 282 -33.11 29.41 -36.37
C GLN A 282 -32.12 28.26 -36.48
N VAL A 283 -31.38 28.24 -37.59
CA VAL A 283 -30.52 27.11 -37.91
C VAL A 283 -29.34 27.01 -36.94
N GLY A 284 -28.80 28.16 -36.52
CA GLY A 284 -27.63 28.14 -35.66
C GLY A 284 -27.86 27.45 -34.33
N SER A 285 -29.09 27.51 -33.83
CA SER A 285 -29.41 26.85 -32.57
C SER A 285 -29.11 25.36 -32.64
N LEU A 286 -29.24 24.74 -33.83
CA LEU A 286 -28.86 23.34 -33.97
C LEU A 286 -27.38 23.15 -33.68
N ILE A 287 -26.53 24.01 -34.25
CA ILE A 287 -25.09 23.92 -33.99
C ILE A 287 -24.82 24.07 -32.50
N ALA A 288 -25.47 25.06 -31.88
CA ALA A 288 -25.28 25.30 -30.46
C ALA A 288 -25.67 24.10 -29.63
N PHE A 289 -26.82 23.48 -29.96
CA PHE A 289 -27.29 22.35 -29.18
C PHE A 289 -26.40 21.12 -29.36
N LEU A 290 -25.97 20.84 -30.60
CA LEU A 290 -25.03 19.74 -30.79
C LEU A 290 -23.75 19.95 -30.00
N ALA A 291 -23.24 21.18 -29.98
CA ALA A 291 -22.06 21.47 -29.18
C ALA A 291 -22.33 21.24 -27.69
N TYR A 292 -23.51 21.66 -27.21
CA TYR A 292 -23.85 21.42 -25.82
C TYR A 292 -23.84 19.93 -25.49
N PHE A 293 -24.50 19.12 -26.32
CA PHE A 293 -24.54 17.68 -26.04
C PHE A 293 -23.15 17.05 -26.11
N MET A 294 -22.29 17.49 -27.03
CA MET A 294 -20.97 16.90 -27.09
C MET A 294 -20.12 17.30 -25.89
N GLN A 295 -20.26 18.55 -25.42
CA GLN A 295 -19.61 18.92 -24.16
C GLN A 295 -20.13 18.06 -23.01
N ILE A 296 -21.44 17.81 -23.00
CA ILE A 296 -22.03 16.97 -21.95
C ILE A 296 -21.43 15.57 -22.00
N LEU A 297 -21.34 14.99 -23.20
CA LEU A 297 -20.78 13.65 -23.34
C LEU A 297 -19.34 13.60 -22.85
N MET A 298 -18.53 14.57 -23.29
CA MET A 298 -17.12 14.59 -22.89
C MET A 298 -16.99 14.67 -21.38
N ALA A 299 -17.70 15.62 -20.75
CA ALA A 299 -17.58 15.83 -19.32
C ALA A 299 -18.08 14.62 -18.54
N VAL A 300 -19.23 14.06 -18.94
CA VAL A 300 -19.80 12.93 -18.20
C VAL A 300 -18.90 11.72 -18.32
N LEU A 301 -18.40 11.43 -19.52
CA LEU A 301 -17.49 10.31 -19.69
C LEU A 301 -16.23 10.50 -18.86
N MET A 302 -15.66 11.71 -18.87
CA MET A 302 -14.45 11.97 -18.11
C MET A 302 -14.68 11.79 -16.62
N ALA A 303 -15.77 12.33 -16.10
CA ALA A 303 -16.04 12.24 -14.67
C ALA A 303 -16.31 10.80 -14.25
N THR A 304 -17.14 10.09 -15.00
CA THR A 304 -17.47 8.71 -14.65
C THR A 304 -16.24 7.81 -14.78
N PHE A 305 -15.31 8.15 -15.67
CA PHE A 305 -14.09 7.37 -15.77
C PHE A 305 -13.16 7.66 -14.60
N MET A 306 -13.07 8.92 -14.18
CA MET A 306 -12.31 9.26 -12.97
C MET A 306 -12.93 8.66 -11.72
N LEU A 307 -14.24 8.35 -11.74
CA LEU A 307 -14.97 7.98 -10.53
C LEU A 307 -14.46 6.69 -9.88
N VAL A 308 -13.67 5.88 -10.59
CA VAL A 308 -13.18 4.62 -10.03
C VAL A 308 -12.35 4.81 -8.76
N ILE A 309 -12.06 6.05 -8.38
CA ILE A 309 -11.26 6.31 -7.18
C ILE A 309 -12.12 6.14 -5.93
N PHE A 310 -13.44 6.16 -6.07
CA PHE A 310 -14.35 6.18 -4.92
C PHE A 310 -14.15 5.03 -3.94
N PRO A 311 -14.06 3.76 -4.36
CA PRO A 311 -13.87 2.69 -3.37
C PRO A 311 -12.58 2.81 -2.58
N ARG A 312 -11.51 3.32 -3.21
CA ARG A 312 -10.27 3.54 -2.48
C ARG A 312 -10.48 4.50 -1.31
N ALA A 313 -11.14 5.64 -1.59
CA ALA A 313 -11.44 6.58 -0.52
C ALA A 313 -12.38 5.96 0.51
N ALA A 314 -13.31 5.11 0.07
CA ALA A 314 -14.22 4.47 1.01
C ALA A 314 -13.46 3.62 2.01
N VAL A 315 -12.57 2.75 1.52
CA VAL A 315 -11.84 1.86 2.42
C VAL A 315 -10.85 2.66 3.26
N CYS A 316 -10.23 3.69 2.70
CA CYS A 316 -9.34 4.54 3.47
C CYS A 316 -10.09 5.24 4.61
N ALA A 317 -11.31 5.72 4.32
CA ALA A 317 -12.12 6.36 5.34
C ALA A 317 -12.55 5.35 6.39
N ASP A 318 -12.82 4.11 5.99
CA ASP A 318 -13.14 3.07 6.98
C ASP A 318 -11.97 2.86 7.94
N ARG A 319 -10.75 2.78 7.40
CA ARG A 319 -9.58 2.61 8.27
C ARG A 319 -9.37 3.84 9.17
N ILE A 320 -9.53 5.04 8.61
CA ILE A 320 -9.33 6.26 9.39
C ILE A 320 -10.39 6.35 10.49
N GLY A 321 -11.61 5.94 10.20
CA GLY A 321 -12.64 5.88 11.22
C GLY A 321 -12.35 4.83 12.28
N GLU A 322 -11.75 3.71 11.88
CA GLU A 322 -11.30 2.74 12.87
C GLU A 322 -10.32 3.37 13.84
N VAL A 323 -9.38 4.17 13.32
CA VAL A 323 -8.42 4.85 14.20
C VAL A 323 -9.12 5.88 15.07
N LEU A 324 -9.96 6.73 14.46
CA LEU A 324 -10.48 7.90 15.16
C LEU A 324 -11.55 7.54 16.18
N SER A 325 -12.33 6.49 15.91
CA SER A 325 -13.43 6.14 16.81
C SER A 325 -12.94 5.58 18.14
N THR A 326 -11.82 4.86 18.12
CA THR A 326 -11.31 4.21 19.34
C THR A 326 -10.63 5.27 20.20
N GLN A 327 -11.32 5.70 21.25
CA GLN A 327 -10.73 6.62 22.21
C GLN A 327 -9.90 5.85 23.23
N THR A 328 -8.90 6.52 23.79
CA THR A 328 -8.02 5.88 24.76
C THR A 328 -8.76 5.59 26.06
N ALA A 329 -8.41 4.46 26.67
CA ALA A 329 -8.96 4.08 27.97
C ALA A 329 -8.08 4.50 29.13
N ILE A 330 -6.94 5.12 28.86
CA ILE A 330 -5.99 5.54 29.90
C ILE A 330 -5.93 7.05 29.90
N THR A 331 -6.22 7.67 31.04
CA THR A 331 -6.18 9.11 31.18
C THR A 331 -6.00 9.48 32.64
N ASN A 332 -5.53 10.71 32.86
CA ASN A 332 -5.46 11.24 34.21
C ASN A 332 -6.88 11.46 34.74
N PRO A 333 -7.14 11.16 36.02
CA PRO A 333 -8.51 11.27 36.52
C PRO A 333 -8.89 12.69 36.91
N ALA A 334 -8.48 13.65 36.08
CA ALA A 334 -8.91 15.05 36.12
C ALA A 334 -8.48 15.78 37.38
N ASP A 335 -7.93 15.08 38.37
CA ASP A 335 -7.32 15.71 39.53
C ASP A 335 -6.47 14.71 40.31
N PRO A 336 -5.38 14.20 39.74
CA PRO A 336 -4.55 13.23 40.47
C PRO A 336 -3.73 13.92 41.55
N VAL A 337 -3.12 13.08 42.38
CA VAL A 337 -2.25 13.57 43.45
C VAL A 337 -0.89 13.93 42.87
N ARG A 338 -0.23 14.92 43.46
CA ARG A 338 1.09 15.37 43.04
C ARG A 338 2.02 15.38 44.23
N PRO A 339 2.48 14.21 44.69
CA PRO A 339 3.43 14.19 45.81
C PRO A 339 4.74 14.90 45.50
N ALA A 340 5.21 14.84 44.26
CA ALA A 340 6.43 15.51 43.79
C ALA A 340 7.68 15.01 44.49
N ALA A 341 7.57 14.02 45.37
CA ALA A 341 8.72 13.46 46.07
C ALA A 341 8.61 11.94 46.19
N ILE A 342 8.00 11.30 45.19
CA ILE A 342 7.75 9.86 45.28
C ILE A 342 9.07 9.10 45.28
N ALA A 343 9.09 7.98 46.01
CA ALA A 343 10.25 7.10 46.05
C ALA A 343 9.79 5.66 45.77
N GLY A 344 10.68 4.70 45.97
CA GLY A 344 10.35 3.33 45.66
C GLY A 344 9.49 2.64 46.70
N ASP A 345 8.21 2.44 46.39
CA ASP A 345 7.33 1.63 47.22
C ASP A 345 6.78 0.43 46.48
N ILE A 346 6.15 0.65 45.32
CA ILE A 346 5.59 -0.39 44.47
C ILE A 346 4.77 -1.35 45.33
N GLY A 347 3.62 -0.88 45.81
CA GLY A 347 2.78 -1.68 46.68
C GLY A 347 1.80 -2.55 45.93
N VAL A 348 2.31 -3.59 45.26
CA VAL A 348 1.43 -4.52 44.56
C VAL A 348 0.56 -5.25 45.57
N HIS A 349 -0.75 -5.26 45.33
CA HIS A 349 -1.70 -5.87 46.25
C HIS A 349 -2.81 -6.52 45.43
N ASP A 350 -2.78 -7.86 45.36
CA ASP A 350 -3.84 -8.64 44.70
C ASP A 350 -4.02 -8.21 43.24
N ALA A 351 -2.92 -7.88 42.59
CA ALA A 351 -2.97 -7.35 41.23
C ALA A 351 -3.50 -8.40 40.26
N THR A 352 -4.44 -7.98 39.41
CA THR A 352 -5.03 -8.83 38.39
C THR A 352 -5.07 -8.08 37.07
N PHE A 353 -4.91 -8.83 35.97
CA PHE A 353 -4.93 -8.23 34.65
C PHE A 353 -5.30 -9.32 33.64
N CYS A 354 -6.18 -8.96 32.70
CA CYS A 354 -6.67 -9.93 31.73
C CYS A 354 -7.37 -9.19 30.59
N TYR A 355 -7.09 -9.63 29.36
CA TYR A 355 -7.81 -9.13 28.21
C TYR A 355 -9.23 -9.68 28.19
N PRO A 356 -10.19 -8.94 27.65
CA PRO A 356 -11.56 -9.45 27.56
C PRO A 356 -11.65 -10.69 26.69
N GLY A 357 -12.51 -11.62 27.12
CA GLY A 357 -12.75 -12.84 26.37
C GLY A 357 -11.77 -13.97 26.63
N ALA A 358 -10.72 -13.73 27.41
CA ALA A 358 -9.73 -14.75 27.65
C ALA A 358 -10.17 -15.69 28.77
N ASP A 359 -9.60 -16.89 28.76
CA ASP A 359 -9.89 -17.87 29.80
C ASP A 359 -9.02 -17.62 31.04
N ARG A 360 -7.71 -17.68 30.87
CA ARG A 360 -6.85 -17.45 32.03
C ARG A 360 -6.36 -16.01 32.03
N PRO A 361 -6.35 -15.36 33.20
CA PRO A 361 -5.90 -13.97 33.27
C PRO A 361 -4.42 -13.84 32.97
N VAL A 362 -4.04 -12.67 32.45
CA VAL A 362 -2.63 -12.38 32.22
C VAL A 362 -1.86 -12.42 33.53
N LEU A 363 -2.41 -11.79 34.57
CA LEU A 363 -1.82 -11.77 35.89
C LEU A 363 -2.95 -11.81 36.91
N GLN A 364 -2.68 -12.43 38.07
CA GLN A 364 -3.73 -12.61 39.06
C GLN A 364 -3.11 -12.73 40.44
N ASP A 365 -3.84 -12.19 41.42
CA ASP A 365 -3.58 -12.35 42.86
C ASP A 365 -2.10 -12.40 43.21
N VAL A 366 -1.36 -11.39 42.75
CA VAL A 366 0.03 -11.21 43.10
C VAL A 366 0.14 -10.00 44.00
N SER A 367 1.14 -10.02 44.90
CA SER A 367 1.34 -8.93 45.84
C SER A 367 2.77 -8.96 46.34
N PHE A 368 3.46 -7.82 46.21
CA PHE A 368 4.81 -7.67 46.74
C PHE A 368 5.08 -6.19 46.93
N THR A 369 6.02 -5.89 47.81
CA THR A 369 6.39 -4.52 48.11
C THR A 369 7.90 -4.41 48.20
N VAL A 370 8.42 -3.22 47.92
CA VAL A 370 9.85 -2.95 47.99
C VAL A 370 10.05 -1.68 48.79
N PRO A 371 11.01 -1.63 49.72
CA PRO A 371 11.29 -0.38 50.44
C PRO A 371 11.88 0.71 49.57
N ARG A 372 12.26 1.83 50.18
CA ARG A 372 12.58 3.04 49.44
C ARG A 372 13.71 2.82 48.43
N GLY A 373 14.78 2.15 48.86
CA GLY A 373 15.95 2.03 48.00
C GLY A 373 16.43 0.62 47.78
N THR A 374 15.55 -0.37 47.89
CA THR A 374 15.93 -1.75 47.66
C THR A 374 15.82 -2.11 46.18
N THR A 375 16.53 -3.17 45.80
CA THR A 375 16.55 -3.66 44.43
C THR A 375 15.90 -5.03 44.38
N THR A 376 14.89 -5.18 43.53
CA THR A 376 14.15 -6.43 43.40
C THR A 376 14.18 -6.88 41.94
N ALA A 377 13.85 -8.15 41.74
CA ALA A 377 13.80 -8.73 40.42
C ALA A 377 12.74 -9.83 40.38
N VAL A 378 12.21 -10.08 39.18
CA VAL A 378 11.21 -11.11 38.95
C VAL A 378 11.70 -12.00 37.81
N VAL A 379 11.58 -13.31 38.01
CA VAL A 379 12.04 -14.29 37.03
C VAL A 379 10.95 -15.34 36.85
N GLY A 380 10.95 -15.98 35.69
CA GLY A 380 9.97 -17.01 35.41
C GLY A 380 10.02 -17.40 33.94
N SER A 381 9.23 -18.41 33.61
CA SER A 381 9.18 -18.91 32.24
C SER A 381 8.45 -17.92 31.34
N THR A 382 8.78 -17.99 30.05
CA THR A 382 8.11 -17.16 29.06
C THR A 382 6.64 -17.55 28.97
N GLY A 383 5.78 -16.54 28.81
CA GLY A 383 4.35 -16.76 28.80
C GLY A 383 3.70 -16.68 30.16
N SER A 384 4.47 -16.45 31.23
CA SER A 384 3.91 -16.33 32.56
C SER A 384 3.25 -14.98 32.82
N GLY A 385 3.36 -14.04 31.88
CA GLY A 385 2.81 -12.72 32.05
C GLY A 385 3.74 -11.72 32.70
N LYS A 386 5.00 -12.09 32.95
CA LYS A 386 5.95 -11.17 33.55
C LYS A 386 6.22 -9.97 32.64
N SER A 387 6.03 -10.13 31.33
CA SER A 387 6.30 -9.05 30.40
C SER A 387 5.37 -7.86 30.63
N THR A 388 4.10 -8.13 30.93
CA THR A 388 3.13 -7.07 31.13
C THR A 388 3.20 -6.44 32.52
N LEU A 389 3.91 -7.06 33.46
CA LEU A 389 3.96 -6.52 34.81
C LEU A 389 4.64 -5.16 34.85
N ILE A 390 5.71 -4.99 34.08
CA ILE A 390 6.41 -3.71 34.04
C ILE A 390 5.48 -2.63 33.50
N SER A 391 4.76 -2.94 32.43
CA SER A 391 3.80 -1.99 31.87
C SER A 391 2.69 -1.67 32.86
N LEU A 392 2.25 -2.66 33.65
CA LEU A 392 1.27 -2.41 34.69
C LEU A 392 1.82 -1.44 35.73
N ILE A 393 3.10 -1.60 36.10
CA ILE A 393 3.71 -0.69 37.05
C ILE A 393 3.75 0.73 36.49
N CYS A 394 4.13 0.86 35.22
CA CYS A 394 4.27 2.15 34.57
C CYS A 394 2.94 2.65 34.00
N ARG A 395 1.85 1.90 34.22
CA ARG A 395 0.51 2.29 33.79
C ARG A 395 0.40 2.40 32.27
N LEU A 396 1.16 1.55 31.55
CA LEU A 396 0.86 1.34 30.15
C LEU A 396 -0.39 0.48 29.96
N TYR A 397 -0.69 -0.37 30.93
CA TYR A 397 -1.95 -1.11 31.00
C TYR A 397 -2.51 -0.95 32.41
N ASP A 398 -3.82 -0.74 32.50
CA ASP A 398 -4.49 -0.63 33.79
C ASP A 398 -4.97 -2.00 34.24
N VAL A 399 -4.80 -2.27 35.54
CA VAL A 399 -5.19 -3.57 36.07
C VAL A 399 -6.71 -3.74 36.00
N THR A 400 -7.15 -5.00 36.00
CA THR A 400 -8.58 -5.28 35.91
C THR A 400 -9.26 -5.09 37.26
N SER A 401 -8.79 -5.79 38.28
CA SER A 401 -9.37 -5.70 39.62
C SER A 401 -8.35 -5.53 40.74
N GLY A 402 -7.06 -5.57 40.44
CA GLY A 402 -6.05 -5.45 41.48
C GLY A 402 -5.76 -4.01 41.85
N SER A 403 -4.73 -3.85 42.69
CA SER A 403 -4.31 -2.53 43.13
C SER A 403 -2.82 -2.56 43.44
N LEU A 404 -2.09 -1.65 42.82
CA LEU A 404 -0.67 -1.44 43.12
C LEU A 404 -0.45 0.03 43.38
N ARG A 405 0.23 0.33 44.49
CA ARG A 405 0.35 1.70 44.98
C ARG A 405 1.81 2.10 45.10
N ILE A 406 2.09 3.36 44.81
CA ILE A 406 3.41 3.96 44.99
C ILE A 406 3.30 5.00 46.10
N ASP A 407 4.13 4.83 47.14
CA ASP A 407 4.10 5.69 48.32
C ASP A 407 2.71 5.71 48.97
N GLY A 408 2.05 4.55 48.96
CA GLY A 408 0.80 4.38 49.65
C GLY A 408 -0.45 4.76 48.88
N VAL A 409 -0.31 5.28 47.66
CA VAL A 409 -1.44 5.70 46.84
C VAL A 409 -1.40 4.97 45.52
N ASP A 410 -2.55 4.45 45.09
CA ASP A 410 -2.61 3.62 43.89
C ASP A 410 -2.18 4.40 42.66
N VAL A 411 -1.51 3.70 41.74
CA VAL A 411 -0.85 4.36 40.62
C VAL A 411 -1.86 5.09 39.73
N ARG A 412 -3.07 4.55 39.63
CA ARG A 412 -4.09 5.21 38.81
C ARG A 412 -4.54 6.54 39.40
N ASP A 413 -4.17 6.84 40.65
CA ASP A 413 -4.45 8.12 41.26
C ASP A 413 -3.30 9.10 41.14
N LEU A 414 -2.21 8.72 40.48
CA LEU A 414 -1.04 9.57 40.33
C LEU A 414 -1.11 10.39 39.04
N ASP A 415 -0.28 11.42 38.99
CA ASP A 415 -0.11 12.23 37.79
C ASP A 415 0.76 11.46 36.82
N ILE A 416 0.17 11.00 35.71
CA ILE A 416 0.88 10.07 34.82
C ILE A 416 2.11 10.74 34.22
N GLU A 417 2.02 12.05 33.92
CA GLU A 417 3.19 12.76 33.42
C GLU A 417 4.28 12.80 34.49
N GLN A 418 3.92 13.09 35.73
CA GLN A 418 4.91 13.08 36.81
C GLN A 418 5.49 11.69 37.01
N LEU A 419 4.65 10.66 36.95
CA LEU A 419 5.14 9.29 37.10
C LEU A 419 6.14 8.95 36.01
N TRP A 420 5.79 9.23 34.76
CA TRP A 420 6.72 8.97 33.66
C TRP A 420 7.99 9.79 33.80
N SER A 421 7.90 10.99 34.38
CA SER A 421 9.10 11.77 34.68
C SER A 421 9.96 11.05 35.70
N ALA A 422 9.35 10.41 36.70
CA ALA A 422 10.07 9.76 37.78
C ALA A 422 10.40 8.30 37.49
N ILE A 423 9.98 7.75 36.36
CA ILE A 423 10.21 6.35 36.01
C ILE A 423 11.24 6.28 34.90
N GLY A 424 12.29 5.49 35.12
CA GLY A 424 13.24 5.17 34.08
C GLY A 424 13.03 3.77 33.56
N LEU A 425 12.65 3.65 32.29
CA LEU A 425 12.24 2.39 31.70
C LEU A 425 13.11 2.04 30.51
N VAL A 426 13.53 0.78 30.43
CA VAL A 426 14.13 0.21 29.23
C VAL A 426 13.20 -0.91 28.75
N PRO A 427 12.65 -0.80 27.56
CA PRO A 427 11.70 -1.82 27.09
C PRO A 427 12.41 -3.06 26.57
N GLN A 428 11.62 -4.13 26.42
CA GLN A 428 12.15 -5.35 25.82
C GLN A 428 12.48 -5.14 24.35
N ARG A 429 11.80 -4.21 23.69
CA ARG A 429 12.10 -3.87 22.29
C ARG A 429 13.02 -2.65 22.28
N GLY A 430 14.32 -2.92 22.42
CA GLY A 430 15.31 -1.86 22.39
C GLY A 430 15.27 -1.08 21.09
N TYR A 431 14.78 0.16 21.17
CA TYR A 431 14.58 0.97 19.98
C TYR A 431 15.28 2.32 20.16
N LEU A 432 15.83 2.82 19.06
CA LEU A 432 16.50 4.12 19.05
C LEU A 432 15.93 4.95 17.91
N PHE A 433 15.83 6.26 18.15
CA PHE A 433 15.36 7.17 17.12
C PHE A 433 16.51 7.51 16.18
N SER A 434 16.18 7.68 14.90
CA SER A 434 17.20 8.01 13.91
C SER A 434 17.85 9.35 14.25
N GLY A 435 19.17 9.41 14.09
CA GLY A 435 19.92 10.58 14.49
C GLY A 435 21.30 10.24 15.00
N THR A 436 21.61 10.65 16.23
CA THR A 436 22.90 10.39 16.83
C THR A 436 22.71 9.98 18.28
N VAL A 437 23.74 9.33 18.84
CA VAL A 437 23.72 8.94 20.24
C VAL A 437 23.56 10.18 21.12
N ALA A 438 24.31 11.24 20.81
CA ALA A 438 24.24 12.48 21.58
C ALA A 438 22.88 13.16 21.48
N GLU A 439 21.95 12.62 20.72
CA GLU A 439 20.58 13.12 20.66
C GLU A 439 19.57 12.11 21.21
N ASN A 440 19.73 10.82 20.89
CA ASN A 440 18.86 9.82 21.48
C ASN A 440 19.02 9.76 22.99
N LEU A 441 20.25 9.87 23.48
CA LEU A 441 20.49 9.82 24.91
C LEU A 441 19.90 11.03 25.63
N ARG A 442 19.68 12.14 24.93
CA ARG A 442 19.12 13.33 25.58
C ARG A 442 17.78 13.05 26.24
N TYR A 443 17.05 12.05 25.74
CA TYR A 443 15.67 11.83 26.18
C TYR A 443 15.57 11.57 27.68
N GLY A 444 16.66 11.16 28.33
CA GLY A 444 16.63 11.02 29.77
C GLY A 444 16.45 12.35 30.49
N ARG A 445 17.09 13.41 29.99
CA ARG A 445 16.98 14.72 30.61
C ARG A 445 16.73 15.87 29.64
N ALA A 446 17.04 15.74 28.35
CA ALA A 446 16.84 16.73 27.29
C ALA A 446 17.74 17.96 27.44
N ASP A 447 18.45 18.11 28.56
CA ASP A 447 19.37 19.23 28.72
C ASP A 447 20.67 18.80 29.39
N ALA A 448 21.05 17.54 29.22
CA ALA A 448 22.23 17.01 29.90
C ALA A 448 23.50 17.60 29.31
N THR A 449 24.61 17.40 30.02
CA THR A 449 25.92 17.87 29.62
C THR A 449 26.76 16.71 29.09
N ASP A 450 27.83 17.06 28.37
CA ASP A 450 28.65 16.04 27.70
C ASP A 450 29.33 15.13 28.71
N ASP A 451 29.87 15.69 29.80
CA ASP A 451 30.53 14.88 30.81
C ASP A 451 29.53 13.94 31.47
N GLU A 452 28.29 14.40 31.67
CA GLU A 452 27.26 13.52 32.21
C GLU A 452 26.98 12.35 31.25
N MET A 453 26.94 12.63 29.95
CA MET A 453 26.74 11.55 28.99
C MET A 453 27.89 10.55 29.03
N TRP A 454 29.12 11.05 29.11
CA TRP A 454 30.27 10.15 29.17
C TRP A 454 30.25 9.31 30.44
N GLU A 455 29.86 9.92 31.56
CA GLU A 455 29.73 9.18 32.81
C GLU A 455 28.65 8.10 32.69
N ALA A 456 27.56 8.41 32.00
CA ALA A 456 26.51 7.41 31.78
C ALA A 456 27.02 6.25 30.94
N LEU A 457 27.72 6.55 29.85
CA LEU A 457 28.31 5.49 29.03
C LEU A 457 29.27 4.65 29.85
N ARG A 458 30.01 5.28 30.77
CA ARG A 458 30.85 4.51 31.69
C ARG A 458 29.99 3.60 32.56
N VAL A 459 28.87 4.12 33.07
CA VAL A 459 27.99 3.32 33.91
C VAL A 459 27.37 2.18 33.12
N ALA A 460 26.94 2.45 31.90
CA ALA A 460 26.30 1.44 31.05
C ALA A 460 27.29 0.47 30.44
N ALA A 461 28.56 0.50 30.87
CA ALA A 461 29.61 -0.36 30.32
C ALA A 461 29.68 -0.23 28.80
N ALA A 462 29.55 1.01 28.33
CA ALA A 462 29.49 1.29 26.90
C ALA A 462 30.40 2.44 26.48
N ALA A 463 31.20 2.98 27.38
CA ALA A 463 32.08 4.09 27.02
C ALA A 463 33.16 3.66 26.04
N ASP A 464 33.52 2.37 26.04
CA ASP A 464 34.65 1.91 25.24
C ASP A 464 34.41 2.11 23.75
N PHE A 465 33.31 1.58 23.23
CA PHE A 465 33.10 1.65 21.78
C PHE A 465 32.67 3.05 21.35
N VAL A 466 31.94 3.77 22.19
CA VAL A 466 31.55 5.12 21.83
C VAL A 466 32.78 6.04 21.81
N ARG A 467 33.76 5.79 22.68
CA ARG A 467 35.04 6.50 22.57
C ARG A 467 35.82 6.01 21.35
N ALA A 468 35.66 4.74 20.98
CA ALA A 468 36.39 4.20 19.84
C ALA A 468 35.97 4.84 18.52
N HIS A 469 34.80 5.46 18.45
CA HIS A 469 34.36 6.10 17.22
C HIS A 469 35.24 7.32 16.95
N PRO A 470 35.74 7.50 15.72
CA PRO A 470 36.67 8.60 15.47
C PRO A 470 36.10 9.98 15.74
N GLN A 471 34.81 10.18 15.48
CA GLN A 471 34.22 11.51 15.58
C GLN A 471 33.68 11.82 16.97
N GLY A 472 33.77 10.89 17.91
CA GLY A 472 33.32 11.10 19.26
C GLY A 472 31.95 10.51 19.53
N LEU A 473 31.42 10.83 20.71
CA LEU A 473 30.13 10.31 21.13
C LEU A 473 29.00 10.80 20.23
N ASP A 474 29.21 11.90 19.51
CA ASP A 474 28.20 12.42 18.58
C ASP A 474 28.35 11.71 17.24
N MET A 475 27.96 10.44 17.24
CA MET A 475 28.08 9.60 16.05
C MET A 475 26.70 9.19 15.55
N PRO A 476 26.52 9.05 14.24
CA PRO A 476 25.18 8.82 13.70
C PRO A 476 24.63 7.45 14.06
N VAL A 477 23.30 7.37 14.14
CA VAL A 477 22.58 6.13 14.36
C VAL A 477 21.45 6.04 13.35
N ALA A 478 21.11 4.82 12.95
CA ALA A 478 20.02 4.60 12.02
C ALA A 478 18.71 4.45 12.79
N GLN A 479 17.64 4.04 12.09
CA GLN A 479 16.36 3.84 12.74
C GLN A 479 16.41 2.57 13.58
N GLY A 480 16.00 2.68 14.85
CA GLY A 480 15.97 1.53 15.73
C GLY A 480 17.33 1.05 16.19
N GLY A 481 18.38 1.84 16.00
CA GLY A 481 19.71 1.38 16.32
C GLY A 481 20.16 0.20 15.49
N ILE A 482 19.58 0.00 14.31
CA ILE A 482 19.88 -1.15 13.49
C ILE A 482 21.33 -1.15 13.04
N ASN A 483 21.99 0.01 13.04
CA ASN A 483 23.41 0.07 12.71
C ASN A 483 24.28 -0.63 13.75
N PHE A 484 23.78 -0.82 14.96
CA PHE A 484 24.53 -1.43 16.03
C PHE A 484 24.40 -2.96 15.98
N SER A 485 25.27 -3.63 16.75
CA SER A 485 25.38 -5.08 16.68
C SER A 485 24.29 -5.80 17.45
N GLY A 486 23.64 -5.13 18.40
CA GLY A 486 22.77 -5.84 19.31
C GLY A 486 22.66 -5.18 20.67
N GLY A 487 23.03 -5.93 21.72
CA GLY A 487 23.01 -5.45 23.08
C GLY A 487 23.64 -4.10 23.31
N GLN A 488 24.42 -3.61 22.33
CA GLN A 488 24.85 -2.22 22.34
C GLN A 488 23.66 -1.28 22.47
N ARG A 489 22.56 -1.60 21.77
CA ARG A 489 21.35 -0.80 21.90
C ARG A 489 20.81 -0.83 23.31
N GLN A 490 20.84 -2.00 23.95
CA GLN A 490 20.39 -2.10 25.33
C GLN A 490 21.28 -1.28 26.26
N ARG A 491 22.59 -1.28 26.01
CA ARG A 491 23.50 -0.44 26.79
C ARG A 491 23.15 1.04 26.62
N LEU A 492 22.86 1.45 25.39
CA LEU A 492 22.45 2.83 25.14
C LEU A 492 21.17 3.15 25.89
N ALA A 493 20.22 2.22 25.90
CA ALA A 493 18.98 2.43 26.64
C ALA A 493 19.26 2.56 28.14
N ILE A 494 20.19 1.77 28.65
CA ILE A 494 20.56 1.86 30.07
C ILE A 494 21.15 3.23 30.37
N ALA A 495 22.02 3.74 29.48
CA ALA A 495 22.57 5.07 29.67
C ALA A 495 21.48 6.14 29.65
N ARG A 496 20.54 6.00 28.71
CA ARG A 496 19.41 6.92 28.62
C ARG A 496 18.62 6.92 29.92
N ALA A 497 18.37 5.74 30.47
CA ALA A 497 17.64 5.64 31.72
C ALA A 497 18.43 6.23 32.89
N VAL A 498 19.75 6.02 32.90
CA VAL A 498 20.51 6.36 34.10
C VAL A 498 20.81 7.85 34.17
N ILE A 499 20.86 8.55 33.02
CA ILE A 499 21.09 9.99 33.15
C ILE A 499 19.90 10.65 33.85
N ARG A 500 18.69 10.10 33.67
CA ARG A 500 17.50 10.68 34.26
C ARG A 500 17.56 10.71 35.77
N ARG A 501 18.38 9.86 36.37
CA ARG A 501 18.43 9.68 37.82
C ARG A 501 17.03 9.44 38.39
N PRO A 502 16.30 8.44 37.88
CA PRO A 502 14.93 8.22 38.34
C PRO A 502 14.90 7.67 39.76
N ALA A 503 13.79 7.95 40.44
CA ALA A 503 13.61 7.37 41.76
C ALA A 503 13.36 5.86 41.69
N ILE A 504 12.80 5.38 40.58
CA ILE A 504 12.49 3.97 40.38
C ILE A 504 13.07 3.54 39.04
N TYR A 505 13.78 2.43 39.04
CA TYR A 505 14.37 1.87 37.83
C TYR A 505 13.54 0.68 37.35
N LEU A 506 13.25 0.65 36.06
CA LEU A 506 12.46 -0.42 35.45
C LEU A 506 13.31 -1.09 34.38
N PHE A 507 13.60 -2.38 34.57
CA PHE A 507 14.38 -3.16 33.61
C PHE A 507 13.53 -4.34 33.14
N ASP A 508 13.37 -4.48 31.83
CA ASP A 508 12.52 -5.49 31.22
C ASP A 508 13.36 -6.31 30.24
N ASP A 509 13.98 -7.38 30.74
CA ASP A 509 14.77 -8.35 29.98
C ASP A 509 15.83 -7.69 29.10
N ALA A 510 16.22 -6.45 29.42
CA ALA A 510 17.27 -5.78 28.66
C ALA A 510 18.62 -6.45 28.89
N PHE A 511 18.87 -6.93 30.11
CA PHE A 511 20.15 -7.55 30.42
C PHE A 511 20.35 -8.88 29.71
N SER A 512 19.28 -9.46 29.16
CA SER A 512 19.40 -10.74 28.48
C SER A 512 20.31 -10.65 27.26
N ALA A 513 20.22 -9.57 26.49
CA ALA A 513 21.05 -9.40 25.31
C ALA A 513 22.53 -9.24 25.64
N LEU A 514 22.86 -8.93 26.90
CA LEU A 514 24.25 -8.73 27.29
C LEU A 514 24.85 -10.03 27.81
N ASP A 515 26.18 -10.02 27.99
CA ASP A 515 26.86 -11.15 28.58
C ASP A 515 26.87 -11.04 30.10
N VAL A 516 27.43 -12.07 30.74
CA VAL A 516 27.43 -12.13 32.20
C VAL A 516 28.28 -11.01 32.79
N HIS A 517 29.50 -10.84 32.27
CA HIS A 517 30.42 -9.89 32.87
C HIS A 517 29.96 -8.45 32.68
N THR A 518 29.45 -8.11 31.49
CA THR A 518 28.95 -6.76 31.26
C THR A 518 27.73 -6.48 32.14
N ASP A 519 26.86 -7.46 32.29
CA ASP A 519 25.70 -7.29 33.18
C ASP A 519 26.15 -7.09 34.62
N ALA A 520 27.15 -7.84 35.06
CA ALA A 520 27.67 -7.67 36.42
C ALA A 520 28.25 -6.28 36.61
N ARG A 521 29.01 -5.80 35.63
CA ARG A 521 29.57 -4.45 35.72
C ARG A 521 28.47 -3.40 35.75
N VAL A 522 27.44 -3.57 34.92
CA VAL A 522 26.33 -2.62 34.90
C VAL A 522 25.61 -2.59 36.23
N ARG A 523 25.36 -3.77 36.80
CA ARG A 523 24.69 -3.84 38.11
C ARG A 523 25.55 -3.21 39.20
N ASP A 524 26.87 -3.44 39.15
CA ASP A 524 27.76 -2.82 40.13
C ASP A 524 27.73 -1.31 40.01
N ALA A 525 27.75 -0.78 38.78
CA ALA A 525 27.66 0.65 38.58
C ALA A 525 26.33 1.20 39.08
N LEU A 526 25.24 0.47 38.84
CA LEU A 526 23.93 0.90 39.33
C LEU A 526 23.90 0.95 40.85
N ARG A 527 24.47 -0.06 41.50
CA ARG A 527 24.57 -0.02 42.96
C ARG A 527 25.41 1.16 43.43
N GLU A 528 26.51 1.43 42.73
CA GLU A 528 27.39 2.54 43.10
C GLU A 528 26.67 3.88 42.99
N VAL A 529 25.90 4.07 41.92
CA VAL A 529 25.31 5.37 41.62
C VAL A 529 23.90 5.49 42.15
N ALA A 530 23.06 4.47 41.93
CA ALA A 530 21.64 4.54 42.23
C ALA A 530 21.27 3.70 43.45
N ALA A 531 22.13 3.73 44.48
CA ALA A 531 21.82 3.02 45.72
C ALA A 531 20.58 3.58 46.40
N ASP A 532 20.43 4.90 46.39
CA ASP A 532 19.26 5.52 47.01
C ASP A 532 17.97 5.13 46.29
N ALA A 533 18.00 5.06 44.96
CA ALA A 533 16.84 4.71 44.18
C ALA A 533 16.61 3.19 44.20
N THR A 534 15.40 2.80 43.83
CA THR A 534 15.02 1.40 43.76
C THR A 534 15.11 0.90 42.32
N VAL A 535 15.35 -0.40 42.17
CA VAL A 535 15.54 -1.02 40.88
C VAL A 535 14.66 -2.26 40.78
N VAL A 536 13.95 -2.40 39.67
CA VAL A 536 13.14 -3.57 39.37
C VAL A 536 13.66 -4.18 38.07
N ILE A 537 13.98 -5.47 38.10
CA ILE A 537 14.59 -6.16 36.97
C ILE A 537 13.70 -7.31 36.55
N VAL A 538 13.47 -7.42 35.24
CA VAL A 538 12.85 -8.59 34.63
C VAL A 538 13.93 -9.30 33.83
N SER A 539 14.04 -10.62 34.02
CA SER A 539 15.05 -11.37 33.30
C SER A 539 14.68 -12.85 33.30
N GLN A 540 15.28 -13.58 32.37
CA GLN A 540 15.20 -15.03 32.33
C GLN A 540 16.53 -15.68 32.73
N ARG A 541 17.47 -14.90 33.23
CA ARG A 541 18.81 -15.38 33.56
C ARG A 541 19.03 -15.24 35.06
N ILE A 542 19.44 -16.35 35.68
CA ILE A 542 19.60 -16.37 37.14
C ILE A 542 20.77 -15.50 37.57
N SER A 543 21.85 -15.49 36.80
CA SER A 543 23.06 -14.78 37.20
C SER A 543 22.82 -13.28 37.37
N THR A 544 21.83 -12.73 36.65
CA THR A 544 21.52 -11.31 36.78
C THR A 544 20.63 -11.01 37.98
N VAL A 545 20.13 -12.03 38.66
CA VAL A 545 19.09 -11.86 39.67
C VAL A 545 19.65 -12.24 41.04
N ILE A 546 20.76 -12.98 41.05
CA ILE A 546 21.27 -13.56 42.29
C ILE A 546 21.56 -12.47 43.32
N GLU A 547 22.14 -11.36 42.90
CA GLU A 547 22.56 -10.32 43.83
C GLU A 547 21.44 -9.37 44.23
N ALA A 548 20.23 -9.55 43.69
CA ALA A 548 19.12 -8.70 44.06
C ALA A 548 18.75 -8.89 45.52
N ASP A 549 18.23 -7.83 46.14
CA ASP A 549 17.85 -7.90 47.55
C ASP A 549 16.76 -8.94 47.79
N GLN A 550 15.76 -8.97 46.92
CA GLN A 550 14.72 -9.98 47.00
C GLN A 550 14.29 -10.36 45.59
N VAL A 551 13.73 -11.55 45.46
CA VAL A 551 13.29 -12.08 44.17
C VAL A 551 11.91 -12.68 44.33
N VAL A 552 11.07 -12.49 43.31
CA VAL A 552 9.75 -13.09 43.23
C VAL A 552 9.68 -13.90 41.95
N VAL A 553 9.16 -15.11 42.04
CA VAL A 553 9.03 -16.01 40.91
C VAL A 553 7.55 -16.22 40.64
N ILE A 554 7.13 -16.02 39.39
CA ILE A 554 5.73 -16.11 39.01
C ILE A 554 5.59 -17.13 37.88
N ASP A 555 4.52 -17.91 37.93
CA ASP A 555 4.19 -18.87 36.88
C ASP A 555 2.69 -18.85 36.66
N ASP A 556 2.28 -18.89 35.39
CA ASP A 556 0.88 -18.87 35.00
C ASP A 556 0.15 -17.65 35.57
N GLY A 557 0.85 -16.53 35.61
CA GLY A 557 0.24 -15.29 36.06
C GLY A 557 0.02 -15.17 37.55
N ARG A 558 0.72 -15.95 38.35
CA ARG A 558 0.60 -15.85 39.81
C ARG A 558 1.92 -16.21 40.46
N VAL A 559 2.14 -15.65 41.66
CA VAL A 559 3.39 -15.85 42.38
C VAL A 559 3.51 -17.30 42.81
N VAL A 560 4.69 -17.87 42.60
CA VAL A 560 5.00 -19.22 43.05
C VAL A 560 6.17 -19.26 44.03
N GLY A 561 6.81 -18.12 44.29
CA GLY A 561 7.91 -18.07 45.23
C GLY A 561 8.44 -16.68 45.51
N ILE A 562 8.66 -16.36 46.78
CA ILE A 562 9.18 -15.06 47.20
C ILE A 562 10.27 -15.29 48.22
N GLY A 563 11.36 -14.53 48.11
CA GLY A 563 12.44 -14.61 49.06
C GLY A 563 13.74 -14.16 48.42
N THR A 564 14.83 -14.71 48.94
CA THR A 564 16.17 -14.45 48.40
C THR A 564 16.69 -15.67 47.66
N HIS A 565 17.72 -15.44 46.84
CA HIS A 565 18.26 -16.52 46.02
C HIS A 565 18.76 -17.68 46.88
N ASP A 566 19.47 -17.37 47.98
CA ASP A 566 20.00 -18.41 48.83
C ASP A 566 18.88 -19.24 49.45
N THR A 567 17.80 -18.60 49.89
CA THR A 567 16.68 -19.34 50.45
C THR A 567 15.86 -20.01 49.34
N LEU A 568 15.67 -19.33 48.22
CA LEU A 568 14.78 -19.84 47.18
C LEU A 568 15.39 -21.01 46.40
N LEU A 569 16.71 -21.15 46.38
CA LEU A 569 17.31 -22.25 45.66
C LEU A 569 16.95 -23.61 46.27
N ALA A 570 16.53 -23.62 47.54
CA ALA A 570 16.06 -24.84 48.18
C ALA A 570 14.61 -24.74 48.64
N ASP A 571 14.01 -23.54 48.62
CA ASP A 571 12.66 -23.38 49.13
C ASP A 571 11.63 -23.99 48.18
N CYS A 572 11.77 -23.74 46.88
CA CYS A 572 10.76 -24.14 45.92
C CYS A 572 11.41 -24.86 44.74
N PRO A 573 10.88 -26.02 44.32
CA PRO A 573 11.46 -26.70 43.16
C PRO A 573 11.25 -25.94 41.85
N ILE A 574 10.29 -25.02 41.80
CA ILE A 574 10.03 -24.31 40.56
C ILE A 574 11.23 -23.46 40.15
N TYR A 575 11.84 -22.76 41.12
CA TYR A 575 13.06 -22.03 40.81
C TYR A 575 14.26 -22.96 40.72
N ALA A 576 14.19 -24.11 41.40
CA ALA A 576 15.21 -25.13 41.24
C ALA A 576 15.26 -25.64 39.81
N GLU A 577 14.15 -25.57 39.08
CA GLU A 577 14.19 -25.89 37.66
C GLU A 577 15.13 -24.95 36.91
N PHE A 578 15.01 -23.64 37.14
CA PHE A 578 15.93 -22.69 36.56
C PHE A 578 17.36 -22.94 37.02
N ALA A 579 17.54 -23.24 38.30
CA ALA A 579 18.88 -23.48 38.83
C ALA A 579 19.55 -24.65 38.14
N GLU A 580 18.82 -25.77 38.00
CA GLU A 580 19.38 -26.93 37.31
C GLU A 580 19.61 -26.65 35.83
N SER A 581 18.69 -25.91 35.20
CA SER A 581 18.85 -25.60 33.78
C SER A 581 20.06 -24.72 33.53
N GLN A 582 20.39 -23.84 34.46
CA GLN A 582 21.55 -22.97 34.30
C GLN A 582 22.84 -23.59 34.80
N ALA A 583 22.76 -24.59 35.68
CA ALA A 583 23.97 -25.24 36.16
C ALA A 583 24.61 -26.09 35.06
N LEU A 584 25.91 -26.30 35.19
CA LEU A 584 26.66 -27.09 34.23
C LEU A 584 27.14 -28.41 34.83
N ARG B 13 11.49 5.53 -14.33
CA ARG B 13 12.53 5.20 -15.30
C ARG B 13 12.15 3.96 -16.10
N THR B 14 12.53 3.95 -17.37
CA THR B 14 12.32 2.81 -18.25
C THR B 14 13.61 2.50 -19.00
N ARG B 15 13.75 1.23 -19.38
CA ARG B 15 14.94 0.78 -20.10
C ARG B 15 14.64 -0.01 -21.35
N ASP B 16 13.41 -0.50 -21.55
CA ASP B 16 13.07 -1.24 -22.77
C ASP B 16 11.59 -0.96 -23.06
N PHE B 17 11.34 -0.16 -24.09
CA PHE B 17 9.97 0.17 -24.47
C PHE B 17 9.43 -0.81 -25.49
N LYS B 18 10.14 -0.97 -26.61
CA LYS B 18 9.63 -1.81 -27.70
C LYS B 18 9.58 -3.29 -27.31
N GLY B 19 10.65 -3.80 -26.68
CA GLY B 19 10.68 -5.21 -26.34
C GLY B 19 9.63 -5.57 -25.31
N SER B 20 9.52 -4.77 -24.25
CA SER B 20 8.51 -5.01 -23.23
C SER B 20 7.10 -4.86 -23.81
N ALA B 21 6.92 -3.87 -24.69
CA ALA B 21 5.61 -3.67 -25.31
C ALA B 21 5.21 -4.87 -26.15
N ILE B 22 6.14 -5.39 -26.96
CA ILE B 22 5.80 -6.53 -27.80
C ILE B 22 5.61 -7.79 -26.96
N ARG B 23 6.34 -7.91 -25.84
CA ARG B 23 6.10 -9.05 -24.95
C ARG B 23 4.73 -8.96 -24.30
N LEU B 24 4.33 -7.76 -23.87
CA LEU B 24 2.99 -7.58 -23.31
C LEU B 24 1.93 -7.89 -24.36
N ALA B 25 2.16 -7.48 -25.61
CA ALA B 25 1.24 -7.81 -26.68
C ALA B 25 1.16 -9.32 -26.89
N ARG B 26 2.31 -9.98 -26.97
CA ARG B 26 2.34 -11.43 -27.15
C ARG B 26 1.78 -12.18 -25.95
N ARG B 27 1.62 -11.50 -24.81
CA ARG B 27 0.83 -12.08 -23.73
C ARG B 27 -0.66 -12.07 -24.04
N LEU B 28 -1.08 -11.39 -25.11
CA LEU B 28 -2.48 -11.27 -25.49
C LEU B 28 -2.80 -11.93 -26.82
N LEU B 29 -1.86 -11.88 -27.77
CA LEU B 29 -1.96 -12.48 -29.11
C LEU B 29 -2.37 -13.95 -29.15
N PRO B 30 -2.04 -14.80 -28.14
CA PRO B 30 -2.52 -16.20 -28.19
C PRO B 30 -4.02 -16.35 -28.43
N GLN B 31 -4.80 -15.31 -28.12
CA GLN B 31 -6.21 -15.33 -28.49
C GLN B 31 -6.39 -15.33 -30.01
N ARG B 32 -5.48 -14.66 -30.73
CA ARG B 32 -5.44 -14.70 -32.19
C ARG B 32 -6.74 -14.23 -32.82
N ALA B 33 -7.62 -15.18 -33.12
CA ALA B 33 -8.90 -14.84 -33.76
C ALA B 33 -9.72 -13.91 -32.88
N LEU B 34 -9.74 -14.17 -31.57
CA LEU B 34 -10.49 -13.30 -30.67
C LEU B 34 -9.93 -11.88 -30.70
N THR B 35 -8.60 -11.75 -30.63
CA THR B 35 -7.99 -10.43 -30.63
C THR B 35 -8.28 -9.68 -31.91
N LEU B 36 -8.15 -10.36 -33.06
CA LEU B 36 -8.39 -9.67 -34.33
C LEU B 36 -9.87 -9.31 -34.48
N ALA B 37 -10.77 -10.16 -33.98
CA ALA B 37 -12.18 -9.82 -34.01
C ALA B 37 -12.49 -8.61 -33.13
N VAL B 38 -11.86 -8.53 -31.96
CA VAL B 38 -12.03 -7.36 -31.10
C VAL B 38 -11.53 -6.10 -31.79
N ILE B 39 -10.37 -6.19 -32.44
CA ILE B 39 -9.84 -5.04 -33.17
C ILE B 39 -10.79 -4.63 -34.29
N LEU B 40 -11.33 -5.61 -35.01
CA LEU B 40 -12.28 -5.30 -36.09
C LEU B 40 -13.52 -4.62 -35.56
N LEU B 41 -14.08 -5.13 -34.46
CA LEU B 41 -15.26 -4.50 -33.88
C LEU B 41 -14.97 -3.08 -33.43
N GLY B 42 -13.82 -2.87 -32.78
CA GLY B 42 -13.47 -1.53 -32.34
C GLY B 42 -13.32 -0.56 -33.49
N VAL B 43 -12.59 -0.97 -34.53
CA VAL B 43 -12.35 -0.05 -35.65
C VAL B 43 -13.65 0.22 -36.39
N GLY B 44 -14.52 -0.79 -36.53
CA GLY B 44 -15.81 -0.56 -37.16
C GLY B 44 -16.67 0.40 -36.37
N GLY B 45 -16.71 0.24 -35.05
CA GLY B 45 -17.47 1.16 -34.22
C GLY B 45 -16.95 2.58 -34.32
N ILE B 46 -15.63 2.74 -34.29
CA ILE B 46 -15.04 4.07 -34.42
C ILE B 46 -15.38 4.68 -35.78
N ALA B 47 -15.26 3.89 -36.85
CA ALA B 47 -15.53 4.41 -38.18
C ALA B 47 -16.98 4.85 -38.32
N ILE B 48 -17.92 4.02 -37.85
CA ILE B 48 -19.33 4.37 -37.98
C ILE B 48 -19.68 5.55 -37.09
N GLY B 49 -19.07 5.64 -35.90
CA GLY B 49 -19.27 6.79 -35.04
C GLY B 49 -18.74 8.08 -35.65
N VAL B 50 -17.67 7.98 -36.43
CA VAL B 50 -17.20 9.15 -37.17
C VAL B 50 -18.16 9.47 -38.32
N ILE B 51 -18.69 8.44 -38.99
CA ILE B 51 -19.54 8.65 -40.15
C ILE B 51 -20.85 9.33 -39.76
N GLY B 52 -21.37 9.00 -38.57
CA GLY B 52 -22.65 9.52 -38.14
C GLY B 52 -22.82 11.04 -38.23
N PRO B 53 -21.85 11.79 -37.70
CA PRO B 53 -21.91 13.25 -37.85
C PRO B 53 -21.97 13.71 -39.29
N ARG B 54 -21.37 12.97 -40.23
CA ARG B 54 -21.43 13.39 -41.63
C ARG B 54 -22.86 13.35 -42.16
N ILE B 55 -23.59 12.27 -41.87
CA ILE B 55 -24.98 12.22 -42.34
C ILE B 55 -25.85 13.20 -41.56
N LEU B 56 -25.53 13.44 -40.28
CA LEU B 56 -26.25 14.47 -39.55
C LEU B 56 -26.06 15.83 -40.20
N GLY B 57 -24.83 16.15 -40.60
CA GLY B 57 -24.58 17.39 -41.30
C GLY B 57 -25.26 17.46 -42.65
N HIS B 58 -25.32 16.33 -43.36
CA HIS B 58 -26.05 16.30 -44.62
C HIS B 58 -27.52 16.61 -44.42
N ALA B 59 -28.12 16.04 -43.38
CA ALA B 59 -29.52 16.34 -43.07
C ALA B 59 -29.71 17.80 -42.72
N THR B 60 -28.79 18.36 -41.92
CA THR B 60 -28.88 19.79 -41.59
C THR B 60 -28.73 20.65 -42.84
N ASP B 61 -27.88 20.23 -43.77
CA ASP B 61 -27.73 20.94 -45.03
C ASP B 61 -29.03 20.91 -45.82
N LEU B 62 -29.69 19.76 -45.86
CA LEU B 62 -30.98 19.68 -46.55
C LEU B 62 -32.00 20.62 -45.92
N LEU B 63 -32.03 20.65 -44.59
CA LEU B 63 -32.96 21.53 -43.88
C LEU B 63 -32.67 22.99 -44.20
N PHE B 64 -31.39 23.37 -44.18
CA PHE B 64 -31.01 24.77 -44.40
C PHE B 64 -31.32 25.19 -45.83
N ASN B 65 -31.09 24.26 -46.79
CA ASN B 65 -31.49 24.48 -48.17
C ASN B 65 -32.99 24.75 -48.26
N GLY B 66 -33.80 23.86 -47.69
CA GLY B 66 -35.24 24.04 -47.74
C GLY B 66 -35.74 25.26 -46.98
N VAL B 67 -34.93 25.79 -46.06
CA VAL B 67 -35.32 26.98 -45.32
C VAL B 67 -35.06 28.23 -46.15
N ILE B 68 -33.82 28.41 -46.61
CA ILE B 68 -33.48 29.65 -47.32
C ILE B 68 -33.86 29.61 -48.80
N GLY B 69 -34.39 28.50 -49.29
CA GLY B 69 -34.89 28.56 -50.65
C GLY B 69 -36.30 29.09 -50.76
N ARG B 70 -36.96 29.35 -49.64
CA ARG B 70 -38.35 29.79 -49.66
C ARG B 70 -38.47 31.24 -50.11
N GLU B 71 -37.59 32.11 -49.61
CA GLU B 71 -37.71 33.53 -49.89
C GLU B 71 -37.48 33.86 -51.37
N LEU B 72 -36.66 33.07 -52.05
CA LEU B 72 -36.44 33.30 -53.48
C LEU B 72 -37.72 32.97 -54.26
N PRO B 73 -37.99 33.69 -55.34
CA PRO B 73 -39.16 33.37 -56.18
C PRO B 73 -39.05 31.96 -56.75
N ALA B 74 -40.18 31.28 -56.80
CA ALA B 74 -40.20 29.89 -57.24
C ALA B 74 -40.04 29.79 -58.75
N GLY B 75 -39.43 28.67 -59.18
CA GLY B 75 -39.28 28.36 -60.59
C GLY B 75 -38.05 28.93 -61.25
N LEU B 76 -37.28 29.77 -60.56
CA LEU B 76 -36.09 30.34 -61.15
C LEU B 76 -34.94 29.35 -61.12
N THR B 77 -33.99 29.55 -62.03
CA THR B 77 -32.74 28.79 -62.00
C THR B 77 -31.88 29.27 -60.84
N LYS B 78 -31.08 28.34 -60.29
CA LYS B 78 -30.18 28.72 -59.20
C LYS B 78 -29.22 29.81 -59.64
N GLU B 79 -28.68 29.71 -60.86
CA GLU B 79 -27.85 30.78 -61.39
C GLU B 79 -28.65 32.06 -61.56
N GLN B 80 -29.90 31.95 -62.00
CA GLN B 80 -30.75 33.13 -62.13
C GLN B 80 -30.98 33.79 -60.77
N ALA B 81 -31.24 32.98 -59.74
CA ALA B 81 -31.44 33.54 -58.41
C ALA B 81 -30.17 34.20 -57.90
N VAL B 82 -29.01 33.57 -58.14
CA VAL B 82 -27.75 34.16 -57.73
C VAL B 82 -27.51 35.49 -58.42
N GLU B 83 -27.79 35.56 -59.73
CA GLU B 83 -27.62 36.81 -60.46
C GLU B 83 -28.58 37.88 -59.96
N ALA B 84 -29.83 37.50 -59.68
CA ALA B 84 -30.80 38.47 -59.18
C ALA B 84 -30.38 39.02 -57.83
N ALA B 85 -29.87 38.15 -56.95
CA ALA B 85 -29.38 38.62 -55.65
C ALA B 85 -28.16 39.51 -55.82
N ARG B 86 -27.25 39.14 -56.72
CA ARG B 86 -26.00 39.88 -56.86
C ARG B 86 -26.22 41.25 -57.50
N ALA B 87 -27.21 41.37 -58.39
CA ALA B 87 -27.45 42.64 -59.07
C ALA B 87 -27.84 43.73 -58.08
N ARG B 88 -28.68 43.40 -57.10
CA ARG B 88 -29.09 44.35 -56.08
C ARG B 88 -28.05 44.53 -54.99
N GLY B 89 -26.98 43.74 -54.99
CA GLY B 89 -25.98 43.78 -53.94
C GLY B 89 -25.77 42.40 -53.37
N ASP B 90 -25.65 42.31 -52.04
CA ASP B 90 -25.60 41.03 -51.33
C ASP B 90 -24.54 40.10 -51.94
N GLY B 91 -23.35 40.64 -52.15
CA GLY B 91 -22.31 39.88 -52.82
C GLY B 91 -21.96 38.59 -52.10
N THR B 92 -21.77 38.69 -50.78
CA THR B 92 -21.48 37.49 -49.99
C THR B 92 -22.68 36.55 -49.96
N PHE B 93 -23.89 37.10 -49.85
CA PHE B 93 -25.09 36.27 -49.91
C PHE B 93 -25.23 35.60 -51.27
N ALA B 94 -24.90 36.33 -52.34
CA ALA B 94 -24.92 35.73 -53.67
C ALA B 94 -23.90 34.61 -53.79
N ASP B 95 -22.72 34.80 -53.23
CA ASP B 95 -21.72 33.73 -53.23
C ASP B 95 -22.22 32.51 -52.44
N LEU B 96 -22.87 32.76 -51.30
CA LEU B 96 -23.44 31.67 -50.52
C LEU B 96 -24.46 30.89 -51.34
N LEU B 97 -25.34 31.61 -52.04
CA LEU B 97 -26.32 30.94 -52.89
C LEU B 97 -25.66 30.15 -54.01
N SER B 98 -24.62 30.72 -54.61
CA SER B 98 -23.93 30.06 -55.71
C SER B 98 -23.27 28.77 -55.25
N GLY B 99 -22.61 28.79 -54.09
CA GLY B 99 -21.92 27.62 -53.61
C GLY B 99 -22.81 26.59 -52.95
N MET B 100 -24.10 26.88 -52.81
CA MET B 100 -25.04 25.99 -52.12
C MET B 100 -26.14 25.58 -53.08
N ASP B 101 -26.70 24.39 -52.84
CA ASP B 101 -27.58 23.73 -53.80
C ASP B 101 -29.04 23.83 -53.34
N ILE B 102 -29.77 24.78 -53.91
CA ILE B 102 -31.21 24.92 -53.68
C ILE B 102 -31.89 25.16 -55.02
N VAL B 103 -33.00 24.46 -55.24
CA VAL B 103 -33.95 24.86 -56.27
C VAL B 103 -34.87 25.92 -55.67
N PRO B 104 -34.91 27.12 -56.24
CA PRO B 104 -35.67 28.21 -55.60
C PRO B 104 -37.15 27.89 -55.46
N GLY B 105 -37.73 28.31 -54.34
CA GLY B 105 -39.15 28.19 -54.11
C GLY B 105 -39.61 26.85 -53.57
N GLN B 106 -38.71 25.90 -53.35
CA GLN B 106 -39.08 24.58 -52.88
C GLN B 106 -38.76 24.40 -51.40
N GLY B 107 -39.71 23.84 -50.66
CA GLY B 107 -39.57 23.66 -49.24
C GLY B 107 -38.85 22.38 -48.87
N VAL B 108 -38.88 22.07 -47.58
CA VAL B 108 -38.21 20.90 -47.04
C VAL B 108 -39.03 19.65 -47.34
N ASP B 109 -38.39 18.64 -47.93
CA ASP B 109 -39.01 17.34 -48.11
C ASP B 109 -38.74 16.51 -46.87
N PHE B 110 -39.75 16.38 -46.01
CA PHE B 110 -39.57 15.68 -44.75
C PHE B 110 -39.34 14.19 -44.94
N GLY B 111 -39.66 13.63 -46.11
CA GLY B 111 -39.36 12.24 -46.36
C GLY B 111 -37.88 11.95 -46.39
N ALA B 112 -37.11 12.78 -47.11
CA ALA B 112 -35.67 12.62 -47.15
C ALA B 112 -35.05 12.86 -45.78
N VAL B 113 -35.53 13.87 -45.06
CA VAL B 113 -35.04 14.13 -43.72
C VAL B 113 -35.29 12.94 -42.81
N GLY B 114 -36.50 12.37 -42.88
CA GLY B 114 -36.81 11.22 -42.08
C GLY B 114 -35.92 10.03 -42.42
N ARG B 115 -35.71 9.79 -43.71
CA ARG B 115 -34.84 8.68 -44.12
C ARG B 115 -33.42 8.87 -43.59
N THR B 116 -32.87 10.09 -43.74
CA THR B 116 -31.50 10.34 -43.31
C THR B 116 -31.37 10.19 -41.80
N LEU B 117 -32.32 10.76 -41.04
CA LEU B 117 -32.22 10.68 -39.59
C LEU B 117 -32.45 9.26 -39.09
N ALA B 118 -33.31 8.50 -39.77
CA ALA B 118 -33.51 7.10 -39.41
C ALA B 118 -32.23 6.30 -39.65
N LEU B 119 -31.57 6.53 -40.78
CA LEU B 119 -30.29 5.87 -41.03
C LEU B 119 -29.28 6.26 -39.96
N ALA B 120 -29.25 7.53 -39.58
CA ALA B 120 -28.31 7.99 -38.55
C ALA B 120 -28.57 7.30 -37.23
N LEU B 121 -29.83 7.23 -36.80
CA LEU B 121 -30.13 6.61 -35.52
C LEU B 121 -29.84 5.12 -35.55
N GLY B 122 -30.15 4.46 -36.67
CA GLY B 122 -29.84 3.03 -36.78
C GLY B 122 -28.35 2.75 -36.70
N LEU B 123 -27.57 3.55 -37.43
CA LEU B 123 -26.12 3.36 -37.38
C LEU B 123 -25.56 3.68 -36.00
N TYR B 124 -26.15 4.67 -35.31
CA TYR B 124 -25.72 4.96 -33.95
C TYR B 124 -26.02 3.79 -33.01
N LEU B 125 -27.20 3.19 -33.15
CA LEU B 125 -27.56 2.05 -32.31
C LEU B 125 -26.63 0.87 -32.55
N VAL B 126 -26.36 0.56 -33.81
CA VAL B 126 -25.46 -0.56 -34.08
C VAL B 126 -24.04 -0.22 -33.63
N ALA B 127 -23.65 1.05 -33.71
CA ALA B 127 -22.35 1.46 -33.18
C ALA B 127 -22.26 1.21 -31.69
N ALA B 128 -23.31 1.58 -30.94
CA ALA B 128 -23.31 1.35 -29.51
C ALA B 128 -23.24 -0.13 -29.18
N LEU B 129 -24.01 -0.95 -29.91
CA LEU B 129 -23.99 -2.39 -29.67
C LEU B 129 -22.61 -2.99 -29.94
N LEU B 130 -21.99 -2.59 -31.05
CA LEU B 130 -20.66 -3.09 -31.37
C LEU B 130 -19.64 -2.64 -30.34
N VAL B 131 -19.74 -1.38 -29.88
CA VAL B 131 -18.81 -0.89 -28.86
C VAL B 131 -18.96 -1.71 -27.59
N TRP B 132 -20.20 -1.98 -27.17
CA TRP B 132 -20.41 -2.75 -25.96
C TRP B 132 -19.85 -4.16 -26.08
N VAL B 133 -20.12 -4.84 -27.20
CA VAL B 133 -19.64 -6.21 -27.32
C VAL B 133 -18.11 -6.24 -27.42
N GLN B 134 -17.53 -5.25 -28.09
CA GLN B 134 -16.08 -5.14 -28.18
C GLN B 134 -15.46 -4.93 -26.80
N ALA B 135 -16.09 -4.07 -25.98
CA ALA B 135 -15.61 -3.84 -24.62
C ALA B 135 -15.72 -5.12 -23.78
N ARG B 136 -16.84 -5.83 -23.89
CA ARG B 136 -16.99 -7.07 -23.12
C ARG B 136 -15.93 -8.09 -23.50
N LEU B 137 -15.69 -8.24 -24.81
CA LEU B 137 -14.69 -9.20 -25.26
C LEU B 137 -13.29 -8.81 -24.80
N LEU B 138 -12.95 -7.52 -24.88
CA LEU B 138 -11.62 -7.11 -24.44
C LEU B 138 -11.46 -7.32 -22.94
N ASN B 139 -12.51 -7.06 -22.16
CA ASN B 139 -12.44 -7.30 -20.73
C ASN B 139 -12.21 -8.78 -20.44
N VAL B 140 -12.95 -9.65 -21.14
CA VAL B 140 -12.80 -11.09 -20.92
C VAL B 140 -11.38 -11.53 -21.23
N THR B 141 -10.86 -11.10 -22.40
CA THR B 141 -9.55 -11.59 -22.79
C THR B 141 -8.44 -11.02 -21.90
N VAL B 142 -8.56 -9.75 -21.50
CA VAL B 142 -7.51 -9.18 -20.65
C VAL B 142 -7.52 -9.85 -19.29
N GLN B 143 -8.71 -10.14 -18.75
CA GLN B 143 -8.75 -10.79 -17.44
C GLN B 143 -8.23 -12.22 -17.53
N ARG B 144 -8.56 -12.94 -18.61
CA ARG B 144 -8.04 -14.30 -18.77
C ARG B 144 -6.52 -14.30 -18.85
N THR B 145 -5.97 -13.46 -19.73
CA THR B 145 -4.51 -13.39 -19.87
C THR B 145 -3.86 -12.95 -18.57
N MET B 146 -4.55 -12.08 -17.82
CA MET B 146 -4.00 -11.57 -16.57
C MET B 146 -3.95 -12.64 -15.50
N VAL B 147 -5.00 -13.46 -15.42
CA VAL B 147 -4.99 -14.59 -14.52
C VAL B 147 -3.89 -15.56 -14.90
N ALA B 148 -3.72 -15.80 -16.20
CA ALA B 148 -2.64 -16.70 -16.64
C ALA B 148 -1.28 -16.14 -16.25
N LEU B 149 -1.07 -14.83 -16.43
CA LEU B 149 0.21 -14.23 -16.08
C LEU B 149 0.48 -14.32 -14.58
N ARG B 150 -0.54 -14.05 -13.76
CA ARG B 150 -0.34 -14.12 -12.32
C ARG B 150 -0.09 -15.56 -11.87
N ALA B 151 -0.76 -16.52 -12.50
CA ALA B 151 -0.50 -17.93 -12.20
C ALA B 151 0.93 -18.31 -12.58
N GLU B 152 1.41 -17.81 -13.72
CA GLU B 152 2.80 -18.06 -14.10
C GLU B 152 3.76 -17.44 -13.09
N VAL B 153 3.45 -16.25 -12.60
CA VAL B 153 4.29 -15.61 -11.59
C VAL B 153 4.35 -16.47 -10.33
N GLN B 154 3.19 -16.95 -9.89
CA GLN B 154 3.15 -17.81 -8.71
C GLN B 154 3.94 -19.10 -8.94
N GLU B 155 3.77 -19.71 -10.11
CA GLU B 155 4.51 -20.94 -10.41
C GLU B 155 6.01 -20.70 -10.38
N LYS B 156 6.46 -19.58 -10.95
CA LYS B 156 7.87 -19.26 -10.89
C LYS B 156 8.34 -19.08 -9.45
N ILE B 157 7.56 -18.36 -8.64
CA ILE B 157 7.92 -18.18 -7.24
C ILE B 157 8.08 -19.53 -6.55
N HIS B 158 7.26 -20.50 -6.97
CA HIS B 158 7.36 -21.88 -6.42
C HIS B 158 8.62 -22.56 -6.96
N ARG B 159 9.04 -22.21 -8.18
CA ARG B 159 10.18 -22.89 -8.80
C ARG B 159 11.52 -22.22 -8.57
N LEU B 160 11.55 -20.95 -8.16
CA LEU B 160 12.80 -20.24 -8.06
C LEU B 160 13.71 -20.82 -6.98
N PRO B 161 15.03 -20.79 -7.19
CA PRO B 161 15.97 -21.14 -6.13
C PRO B 161 16.03 -20.06 -5.07
N LEU B 162 16.59 -20.44 -3.92
CA LEU B 162 16.60 -19.55 -2.76
C LEU B 162 17.62 -18.43 -2.91
N SER B 163 18.70 -18.67 -3.66
CA SER B 163 19.72 -17.64 -3.84
C SER B 163 19.16 -16.40 -4.52
N TYR B 164 18.13 -16.56 -5.36
CA TYR B 164 17.51 -15.41 -6.00
C TYR B 164 16.87 -14.50 -4.96
N PHE B 165 16.06 -15.07 -4.06
CA PHE B 165 15.41 -14.26 -3.03
C PHE B 165 16.44 -13.69 -2.05
N ASP B 166 17.45 -14.49 -1.69
CA ASP B 166 18.38 -14.07 -0.65
C ASP B 166 19.37 -13.01 -1.13
N SER B 167 19.49 -12.80 -2.43
CA SER B 167 20.48 -11.88 -2.99
C SER B 167 19.87 -10.57 -3.47
N ARG B 168 18.86 -10.05 -2.77
CA ARG B 168 18.25 -8.78 -3.15
C ARG B 168 17.58 -8.18 -1.92
N GLN B 169 17.09 -6.95 -2.10
CA GLN B 169 16.41 -6.26 -1.01
C GLN B 169 15.12 -6.97 -0.63
N ARG B 170 14.76 -6.88 0.65
CA ARG B 170 13.62 -7.62 1.17
C ARG B 170 12.33 -7.16 0.51
N GLY B 171 12.13 -5.86 0.37
CA GLY B 171 10.92 -5.35 -0.25
C GLY B 171 10.96 -5.31 -1.77
N GLU B 172 12.13 -5.52 -2.36
CA GLU B 172 12.28 -5.40 -3.82
C GLU B 172 11.39 -6.40 -4.54
N VAL B 173 11.63 -7.70 -4.33
CA VAL B 173 10.86 -8.72 -5.02
C VAL B 173 9.39 -8.66 -4.61
N LEU B 174 9.12 -8.29 -3.35
CA LEU B 174 7.74 -8.18 -2.89
C LEU B 174 6.98 -7.12 -3.71
N SER B 175 7.61 -5.97 -3.93
CA SER B 175 6.98 -4.94 -4.76
C SER B 175 6.91 -5.39 -6.21
N ARG B 176 7.91 -6.13 -6.68
CA ARG B 176 7.92 -6.56 -8.07
C ARG B 176 6.79 -7.53 -8.38
N VAL B 177 6.44 -8.39 -7.42
CA VAL B 177 5.43 -9.41 -7.66
C VAL B 177 4.03 -9.00 -7.21
N THR B 178 3.91 -8.02 -6.30
CA THR B 178 2.60 -7.60 -5.81
C THR B 178 2.13 -6.29 -6.44
N ASN B 179 2.90 -5.22 -6.26
CA ASN B 179 2.45 -3.91 -6.70
C ASN B 179 2.60 -3.73 -8.21
N ASP B 180 3.65 -4.30 -8.81
CA ASP B 180 3.84 -4.14 -10.23
C ASP B 180 2.78 -4.87 -11.05
N VAL B 181 2.26 -5.99 -10.53
CA VAL B 181 1.17 -6.66 -11.23
C VAL B 181 -0.10 -5.81 -11.18
N ASP B 182 -0.37 -5.16 -10.05
CA ASP B 182 -1.50 -4.25 -9.98
C ASP B 182 -1.31 -3.06 -10.92
N ASN B 183 -0.08 -2.56 -11.03
CA ASN B 183 0.21 -1.51 -12.00
C ASN B 183 -0.03 -2.01 -13.43
N ILE B 184 0.38 -3.24 -13.71
CA ILE B 184 0.12 -3.85 -15.02
C ILE B 184 -1.38 -3.86 -15.30
N GLN B 185 -2.16 -4.26 -14.30
CA GLN B 185 -3.62 -4.27 -14.47
C GLN B 185 -4.14 -2.88 -14.78
N ASN B 186 -3.92 -1.94 -13.86
CA ASN B 186 -4.46 -0.60 -14.00
C ASN B 186 -3.90 0.15 -15.19
N SER B 187 -2.82 -0.35 -15.80
CA SER B 187 -2.30 0.22 -17.04
C SER B 187 -2.90 -0.41 -18.28
N VAL B 188 -2.75 -1.73 -18.44
CA VAL B 188 -3.15 -2.35 -19.71
C VAL B 188 -4.67 -2.37 -19.84
N SER B 189 -5.40 -2.71 -18.76
CA SER B 189 -6.85 -2.79 -18.85
C SER B 189 -7.44 -1.45 -19.25
N MET B 190 -6.81 -0.36 -18.84
CA MET B 190 -7.24 0.96 -19.28
C MET B 190 -6.82 1.23 -20.71
N THR B 191 -5.51 1.14 -20.99
CA THR B 191 -4.97 1.60 -22.25
C THR B 191 -5.55 0.84 -23.43
N ILE B 192 -5.51 -0.50 -23.39
CA ILE B 192 -5.90 -1.28 -24.56
C ILE B 192 -7.31 -0.96 -25.02
N SER B 193 -8.14 -0.37 -24.15
CA SER B 193 -9.44 0.11 -24.57
C SER B 193 -9.38 1.59 -24.96
N GLN B 194 -9.02 2.45 -24.00
CA GLN B 194 -9.22 3.89 -24.21
C GLN B 194 -8.22 4.46 -25.20
N LEU B 195 -6.93 4.08 -25.08
CA LEU B 195 -5.94 4.59 -26.01
C LEU B 195 -6.17 4.06 -27.42
N LEU B 196 -6.59 2.80 -27.53
CA LEU B 196 -6.89 2.23 -28.83
C LEU B 196 -8.06 2.98 -29.48
N THR B 197 -9.12 3.21 -28.72
CA THR B 197 -10.24 4.01 -29.25
C THR B 197 -9.79 5.41 -29.59
N SER B 198 -8.90 6.00 -28.78
CA SER B 198 -8.44 7.35 -29.04
C SER B 198 -7.66 7.44 -30.35
N VAL B 199 -6.75 6.50 -30.59
CA VAL B 199 -5.95 6.54 -31.81
C VAL B 199 -6.81 6.22 -33.03
N LEU B 200 -7.73 5.27 -32.90
CA LEU B 200 -8.65 5.00 -34.01
C LEU B 200 -9.51 6.21 -34.30
N THR B 201 -10.01 6.88 -33.26
CA THR B 201 -10.82 8.07 -33.47
C THR B 201 -10.03 9.17 -34.13
N VAL B 202 -8.78 9.39 -33.70
CA VAL B 202 -8.01 10.48 -34.29
C VAL B 202 -7.70 10.19 -35.76
N PHE B 203 -7.35 8.95 -36.09
CA PHE B 203 -7.11 8.62 -37.49
C PHE B 203 -8.37 8.77 -38.33
N ALA B 204 -9.50 8.23 -37.85
CA ALA B 204 -10.73 8.31 -38.62
C ALA B 204 -11.19 9.75 -38.78
N VAL B 205 -11.12 10.54 -37.70
CA VAL B 205 -11.57 11.91 -37.80
C VAL B 205 -10.65 12.70 -38.73
N LEU B 206 -9.34 12.46 -38.67
CA LEU B 206 -8.43 13.22 -39.52
C LEU B 206 -8.65 12.89 -40.99
N VAL B 207 -8.88 11.61 -41.31
CA VAL B 207 -9.12 11.29 -42.73
C VAL B 207 -10.46 11.87 -43.18
N MET B 208 -11.49 11.80 -42.35
CA MET B 208 -12.79 12.35 -42.74
C MET B 208 -12.70 13.87 -42.93
N MET B 209 -12.03 14.56 -42.02
CA MET B 209 -11.95 16.02 -42.09
C MET B 209 -11.01 16.46 -43.19
N LEU B 210 -10.03 15.62 -43.55
CA LEU B 210 -9.26 15.85 -44.77
C LEU B 210 -10.16 15.76 -46.00
N THR B 211 -11.10 14.81 -45.99
CA THR B 211 -12.06 14.74 -47.13
C THR B 211 -13.03 15.90 -47.03
N ILE B 212 -13.10 16.58 -45.88
CA ILE B 212 -13.96 17.75 -45.78
C ILE B 212 -13.26 18.99 -46.32
N SER B 213 -12.13 19.39 -45.70
CA SER B 213 -11.43 20.60 -46.11
C SER B 213 -10.01 20.64 -45.55
N PRO B 214 -9.00 20.89 -46.38
CA PRO B 214 -7.61 20.79 -45.91
C PRO B 214 -7.14 21.94 -45.02
N LEU B 215 -7.54 23.16 -45.37
CA LEU B 215 -7.14 24.31 -44.55
C LEU B 215 -7.69 24.18 -43.14
N LEU B 216 -8.92 23.69 -43.02
CA LEU B 216 -9.50 23.39 -41.72
C LEU B 216 -8.67 22.34 -40.98
N THR B 217 -8.19 21.33 -41.70
CA THR B 217 -7.38 20.30 -41.07
C THR B 217 -6.09 20.88 -40.52
N LEU B 218 -5.45 21.77 -41.27
CA LEU B 218 -4.24 22.42 -40.75
C LEU B 218 -4.56 23.26 -39.53
N PHE B 219 -5.61 24.08 -39.61
CA PHE B 219 -5.99 24.93 -38.49
C PHE B 219 -6.36 24.14 -37.26
N THR B 220 -6.74 22.88 -37.42
CA THR B 220 -6.96 22.02 -36.26
C THR B 220 -5.64 21.41 -35.77
N VAL B 221 -4.95 20.69 -36.65
CA VAL B 221 -3.80 19.89 -36.25
C VAL B 221 -2.61 20.73 -35.81
N VAL B 222 -2.65 22.05 -36.00
CA VAL B 222 -1.60 22.88 -35.41
C VAL B 222 -1.56 22.75 -33.89
N THR B 223 -2.64 22.26 -33.27
CA THR B 223 -2.67 22.15 -31.82
C THR B 223 -1.82 20.98 -31.32
N VAL B 224 -1.63 19.95 -32.15
CA VAL B 224 -0.89 18.76 -31.68
C VAL B 224 0.55 19.11 -31.31
N PRO B 225 1.35 19.76 -32.16
CA PRO B 225 2.67 20.18 -31.69
C PRO B 225 2.59 21.11 -30.49
N ALA B 226 1.61 22.01 -30.48
CA ALA B 226 1.44 22.91 -29.34
C ALA B 226 1.09 22.13 -28.08
N SER B 227 0.18 21.15 -28.19
CA SER B 227 -0.21 20.37 -27.03
C SER B 227 0.96 19.58 -26.47
N LEU B 228 1.72 18.91 -27.34
CA LEU B 228 2.88 18.15 -26.87
C LEU B 228 3.93 19.08 -26.25
N TRP B 229 4.17 20.23 -26.89
CA TRP B 229 5.16 21.16 -26.35
C TRP B 229 4.74 21.67 -24.98
N VAL B 230 3.46 22.02 -24.81
CA VAL B 230 3.03 22.60 -23.54
C VAL B 230 3.03 21.56 -22.44
N THR B 231 2.61 20.32 -22.76
CA THR B 231 2.64 19.29 -21.71
C THR B 231 4.08 18.94 -21.34
N ARG B 232 4.99 18.92 -22.31
CA ARG B 232 6.40 18.69 -22.00
C ARG B 232 6.96 19.80 -21.13
N TRP B 233 6.63 21.06 -21.46
CA TRP B 233 7.12 22.19 -20.66
C TRP B 233 6.58 22.15 -19.25
N ILE B 234 5.29 21.83 -19.09
CA ILE B 234 4.71 21.76 -17.75
C ILE B 234 5.34 20.61 -16.96
N THR B 235 5.59 19.48 -17.61
CA THR B 235 6.25 18.38 -16.93
C THR B 235 7.65 18.75 -16.46
N ARG B 236 8.42 19.42 -17.33
CA ARG B 236 9.76 19.82 -16.94
C ARG B 236 9.74 20.88 -15.85
N ARG B 237 8.71 21.74 -15.85
CA ARG B 237 8.59 22.73 -14.79
C ARG B 237 8.23 22.07 -13.46
N SER B 238 7.36 21.06 -13.48
CA SER B 238 6.85 20.47 -12.25
C SER B 238 7.78 19.41 -11.69
N GLN B 239 8.68 18.86 -12.50
CA GLN B 239 9.56 17.78 -12.04
C GLN B 239 10.36 18.14 -10.78
N PRO B 240 11.04 19.30 -10.69
CA PRO B 240 11.74 19.61 -9.43
C PRO B 240 10.80 19.67 -8.24
N LEU B 241 9.62 20.27 -8.40
CA LEU B 241 8.67 20.33 -7.30
C LEU B 241 8.14 18.95 -6.96
N PHE B 242 7.94 18.09 -7.96
CA PHE B 242 7.50 16.73 -7.70
C PHE B 242 8.56 15.97 -6.90
N VAL B 243 9.83 16.14 -7.25
CA VAL B 243 10.90 15.47 -6.52
C VAL B 243 10.98 16.00 -5.09
N ALA B 244 10.82 17.32 -4.91
CA ALA B 244 10.84 17.88 -3.57
C ALA B 244 9.68 17.35 -2.73
N GLN B 245 8.50 17.25 -3.33
CA GLN B 245 7.35 16.70 -2.63
C GLN B 245 7.59 15.24 -2.24
N TRP B 246 8.16 14.46 -3.15
CA TRP B 246 8.51 13.08 -2.84
C TRP B 246 9.47 13.00 -1.66
N ARG B 247 10.51 13.82 -1.69
CA ARG B 247 11.50 13.82 -0.61
C ARG B 247 10.87 14.21 0.72
N ASN B 248 9.99 15.21 0.71
CA ASN B 248 9.41 15.68 1.96
C ASN B 248 8.40 14.69 2.53
N THR B 249 7.63 14.04 1.66
CA THR B 249 6.75 12.97 2.13
C THR B 249 7.56 11.79 2.67
N GLY B 250 8.70 11.50 2.04
CA GLY B 250 9.58 10.48 2.60
C GLY B 250 10.09 10.85 3.98
N ARG B 251 10.46 12.11 4.17
CA ARG B 251 10.90 12.57 5.48
C ARG B 251 9.78 12.45 6.51
N LEU B 252 8.56 12.83 6.13
CA LEU B 252 7.42 12.69 7.03
C LEU B 252 7.19 11.22 7.38
N ALA B 253 7.27 10.34 6.40
CA ALA B 253 7.07 8.92 6.66
C ALA B 253 8.15 8.38 7.60
N ALA B 254 9.40 8.79 7.40
CA ALA B 254 10.47 8.34 8.29
C ALA B 254 10.25 8.82 9.71
N HIS B 255 9.85 10.09 9.87
CA HIS B 255 9.59 10.61 11.21
C HIS B 255 8.44 9.85 11.86
N LEU B 256 7.38 9.59 11.10
CA LEU B 256 6.30 8.76 11.61
C LEU B 256 6.81 7.39 12.01
N GLU B 257 7.80 6.87 11.28
CA GLU B 257 8.39 5.58 11.62
C GLU B 257 9.01 5.61 13.01
N GLU B 258 9.89 6.58 13.28
CA GLU B 258 10.53 6.49 14.60
C GLU B 258 9.64 6.99 15.72
N THR B 259 8.54 7.70 15.41
CA THR B 259 7.66 8.08 16.51
C THR B 259 6.58 7.03 16.76
N TYR B 260 6.35 6.12 15.82
CA TYR B 260 5.38 5.04 16.06
C TYR B 260 6.07 3.78 16.57
N SER B 261 7.22 3.42 16.00
CA SER B 261 7.88 2.19 16.41
C SER B 261 8.34 2.27 17.86
N GLY B 262 8.92 3.41 18.26
CA GLY B 262 9.35 3.58 19.63
C GLY B 262 8.35 4.37 20.44
N PHE B 263 7.06 4.13 20.17
CA PHE B 263 6.00 4.92 20.79
C PHE B 263 6.02 4.82 22.30
N THR B 264 6.37 3.64 22.84
CA THR B 264 6.50 3.51 24.28
C THR B 264 7.61 4.41 24.82
N ILE B 265 8.73 4.49 24.09
CA ILE B 265 9.82 5.36 24.50
C ILE B 265 9.45 6.83 24.38
N VAL B 266 8.45 7.14 23.55
CA VAL B 266 7.97 8.53 23.46
C VAL B 266 7.03 8.85 24.60
N LYS B 267 6.10 7.95 24.92
CA LYS B 267 5.21 8.19 26.06
C LYS B 267 6.01 8.26 27.36
N THR B 268 6.97 7.35 27.55
CA THR B 268 7.92 7.54 28.62
C THR B 268 8.82 8.71 28.30
N PHE B 269 9.35 9.34 29.35
CA PHE B 269 10.20 10.53 29.30
C PHE B 269 9.44 11.78 28.85
N GLY B 270 8.16 11.66 28.52
CA GLY B 270 7.32 12.83 28.24
C GLY B 270 7.78 13.68 27.08
N HIS B 271 8.16 13.06 25.96
CA HIS B 271 8.57 13.80 24.78
C HIS B 271 7.48 13.87 23.71
N ARG B 272 6.21 13.78 24.11
CA ARG B 272 5.13 13.91 23.15
C ARG B 272 5.10 15.28 22.52
N GLU B 273 5.34 16.33 23.31
CA GLU B 273 5.21 17.69 22.81
C GLU B 273 6.25 18.01 21.75
N ALA B 274 7.51 17.63 21.97
CA ALA B 274 8.56 17.92 21.00
C ALA B 274 8.31 17.18 19.70
N ALA B 275 7.94 15.90 19.78
CA ALA B 275 7.64 15.15 18.57
C ALA B 275 6.44 15.74 17.83
N ALA B 276 5.43 16.16 18.59
CA ALA B 276 4.25 16.78 17.97
C ALA B 276 4.62 18.08 17.27
N GLY B 277 5.48 18.89 17.88
CA GLY B 277 5.90 20.13 17.25
C GLY B 277 6.70 19.89 15.98
N LYS B 278 7.65 18.96 16.03
CA LYS B 278 8.40 18.62 14.84
C LYS B 278 7.49 18.10 13.73
N PHE B 279 6.54 17.23 14.10
CA PHE B 279 5.59 16.70 13.13
C PHE B 279 4.76 17.82 12.52
N ALA B 280 4.28 18.76 13.34
CA ALA B 280 3.48 19.86 12.82
C ALA B 280 4.29 20.72 11.85
N GLU B 281 5.55 21.02 12.20
CA GLU B 281 6.38 21.82 11.31
C GLU B 281 6.59 21.12 9.97
N LEU B 282 7.01 19.86 10.01
CA LEU B 282 7.25 19.16 8.74
C LEU B 282 5.95 18.91 7.98
N ASN B 283 4.84 18.75 8.70
CA ASN B 283 3.55 18.57 8.03
C ASN B 283 3.12 19.82 7.30
N SER B 284 3.31 21.00 7.92
CA SER B 284 3.01 22.24 7.22
C SER B 284 3.92 22.41 6.00
N GLU B 285 5.21 22.10 6.17
CA GLU B 285 6.13 22.22 5.03
C GLU B 285 5.72 21.30 3.89
N THR B 286 5.36 20.05 4.21
CA THR B 286 4.89 19.13 3.19
C THR B 286 3.56 19.59 2.60
N GLN B 287 2.75 20.28 3.39
CA GLN B 287 1.51 20.84 2.86
C GLN B 287 1.81 21.85 1.77
N GLN B 288 2.73 22.78 2.03
CA GLN B 288 3.08 23.75 1.00
C GLN B 288 3.71 23.07 -0.23
N SER B 289 4.61 22.10 0.01
CA SER B 289 5.26 21.42 -1.10
C SER B 289 4.25 20.68 -1.97
N SER B 290 3.36 19.93 -1.34
CA SER B 290 2.33 19.21 -2.07
C SER B 290 1.39 20.17 -2.78
N PHE B 291 1.06 21.29 -2.15
CA PHE B 291 0.23 22.30 -2.80
C PHE B 291 0.86 22.76 -4.11
N GLY B 292 2.11 23.18 -4.05
CA GLY B 292 2.78 23.64 -5.26
C GLY B 292 2.87 22.56 -6.32
N ALA B 293 3.35 21.38 -5.92
CA ALA B 293 3.56 20.30 -6.89
C ALA B 293 2.26 19.85 -7.51
N GLN B 294 1.21 19.72 -6.70
CA GLN B 294 -0.07 19.22 -7.21
C GLN B 294 -0.75 20.25 -8.08
N PHE B 295 -0.62 21.53 -7.74
CA PHE B 295 -1.15 22.58 -8.62
C PHE B 295 -0.45 22.55 -9.98
N PHE B 296 0.88 22.46 -9.97
CA PHE B 296 1.61 22.43 -11.23
C PHE B 296 1.31 21.17 -12.03
N SER B 297 1.03 20.05 -11.36
CA SER B 297 0.71 18.82 -12.07
C SER B 297 -0.71 18.86 -12.65
N GLY B 298 -1.66 19.40 -11.88
CA GLY B 298 -3.04 19.43 -12.34
C GLY B 298 -3.35 20.53 -13.33
N LEU B 299 -2.49 21.54 -13.44
CA LEU B 299 -2.80 22.55 -14.45
C LEU B 299 -2.54 22.07 -15.90
N VAL B 300 -2.26 20.80 -16.15
CA VAL B 300 -1.98 20.36 -17.52
C VAL B 300 -3.24 20.39 -18.36
N SER B 301 -4.36 19.89 -17.82
CA SER B 301 -5.58 19.81 -18.61
C SER B 301 -6.14 21.18 -19.03
N PRO B 302 -6.20 22.21 -18.18
CA PRO B 302 -6.72 23.49 -18.67
C PRO B 302 -5.91 24.09 -19.79
N ALA B 303 -4.59 23.91 -19.79
CA ALA B 303 -3.75 24.51 -20.83
C ALA B 303 -4.04 23.90 -22.19
N THR B 304 -4.02 22.56 -22.28
CA THR B 304 -4.35 21.91 -23.55
C THR B 304 -5.80 22.15 -23.93
N MET B 305 -6.69 22.27 -22.94
CA MET B 305 -8.08 22.60 -23.23
C MET B 305 -8.17 23.96 -23.90
N PHE B 306 -7.43 24.95 -23.39
CA PHE B 306 -7.44 26.27 -24.02
C PHE B 306 -6.81 26.25 -25.40
N ILE B 307 -5.75 25.46 -25.58
CA ILE B 307 -5.15 25.39 -26.91
C ILE B 307 -6.15 24.81 -27.91
N GLY B 308 -6.83 23.74 -27.51
CA GLY B 308 -7.84 23.16 -28.38
C GLY B 308 -9.01 24.10 -28.62
N ASN B 309 -9.39 24.90 -27.62
CA ASN B 309 -10.51 25.82 -27.80
C ASN B 309 -10.12 27.00 -28.68
N LEU B 310 -8.86 27.45 -28.61
CA LEU B 310 -8.39 28.46 -29.55
C LEU B 310 -8.41 27.91 -30.97
N SER B 311 -8.00 26.64 -31.13
CA SER B 311 -8.15 25.98 -32.41
C SER B 311 -9.61 25.95 -32.85
N TYR B 312 -10.52 25.70 -31.91
CA TYR B 312 -11.95 25.71 -32.21
C TYR B 312 -12.42 27.08 -32.68
N VAL B 313 -11.92 28.14 -32.04
CA VAL B 313 -12.24 29.50 -32.46
C VAL B 313 -11.78 29.74 -33.89
N ALA B 314 -10.55 29.33 -34.20
CA ALA B 314 -10.05 29.49 -35.55
C ALA B 314 -10.90 28.71 -36.54
N VAL B 315 -11.29 27.49 -36.18
CA VAL B 315 -12.16 26.69 -37.02
C VAL B 315 -13.47 27.41 -37.28
N ALA B 316 -14.09 27.94 -36.23
CA ALA B 316 -15.39 28.59 -36.38
C ALA B 316 -15.28 29.81 -37.31
N VAL B 317 -14.26 30.63 -37.09
CA VAL B 317 -14.16 31.86 -37.88
C VAL B 317 -13.86 31.54 -39.34
N VAL B 318 -12.93 30.62 -39.60
CA VAL B 318 -12.59 30.32 -40.99
C VAL B 318 -13.72 29.57 -41.67
N GLY B 319 -14.47 28.76 -40.93
CA GLY B 319 -15.63 28.08 -41.50
C GLY B 319 -16.71 29.06 -41.88
N GLY B 320 -16.98 30.05 -41.03
CA GLY B 320 -17.91 31.11 -41.39
C GLY B 320 -17.45 31.87 -42.62
N LEU B 321 -16.16 32.20 -42.69
CA LEU B 321 -15.63 32.91 -43.83
C LEU B 321 -15.79 32.10 -45.10
N GLN B 322 -15.50 30.80 -45.04
CA GLN B 322 -15.58 29.96 -46.24
C GLN B 322 -17.02 29.69 -46.65
N VAL B 323 -17.93 29.56 -45.69
CA VAL B 323 -19.34 29.41 -46.03
C VAL B 323 -19.85 30.68 -46.70
N ALA B 324 -19.47 31.84 -46.17
CA ALA B 324 -19.80 33.10 -46.85
C ALA B 324 -19.20 33.12 -48.25
N THR B 325 -18.00 32.58 -48.41
CA THR B 325 -17.43 32.43 -49.75
C THR B 325 -18.24 31.45 -50.60
N GLY B 326 -18.74 30.40 -49.98
CA GLY B 326 -19.51 29.39 -50.70
C GLY B 326 -18.75 28.15 -51.10
N GLN B 327 -17.50 28.00 -50.66
CA GLN B 327 -16.71 26.84 -51.03
C GLN B 327 -17.11 25.58 -50.27
N ILE B 328 -18.00 25.68 -49.28
CA ILE B 328 -18.35 24.54 -48.45
C ILE B 328 -19.77 24.74 -47.96
N THR B 329 -20.39 23.65 -47.52
CA THR B 329 -21.77 23.68 -47.03
C THR B 329 -21.82 23.77 -45.51
N LEU B 330 -22.98 24.21 -45.00
CA LEU B 330 -23.14 24.38 -43.56
C LEU B 330 -23.04 23.04 -42.84
N GLY B 331 -23.65 21.99 -43.40
CA GLY B 331 -23.64 20.71 -42.73
C GLY B 331 -22.24 20.14 -42.56
N SER B 332 -21.40 20.34 -43.57
CA SER B 332 -20.00 19.95 -43.43
C SER B 332 -19.34 20.72 -42.29
N ILE B 333 -19.66 22.01 -42.15
CA ILE B 333 -19.11 22.81 -41.06
C ILE B 333 -19.59 22.29 -39.72
N GLN B 334 -20.87 21.91 -39.61
CA GLN B 334 -21.38 21.35 -38.38
C GLN B 334 -20.68 20.05 -38.03
N ALA B 335 -20.51 19.17 -39.02
CA ALA B 335 -19.78 17.94 -38.81
C ALA B 335 -18.35 18.23 -38.36
N PHE B 336 -17.74 19.27 -38.92
CA PHE B 336 -16.38 19.63 -38.53
C PHE B 336 -16.32 20.18 -37.12
N ILE B 337 -17.34 20.95 -36.71
CA ILE B 337 -17.39 21.47 -35.35
C ILE B 337 -17.54 20.32 -34.36
N GLN B 338 -18.29 19.29 -34.75
CA GLN B 338 -18.33 18.07 -33.95
C GLN B 338 -16.96 17.41 -33.91
N TYR B 339 -16.32 17.30 -35.09
CA TYR B 339 -15.11 16.52 -35.24
C TYR B 339 -13.96 17.12 -34.46
N VAL B 340 -13.87 18.46 -34.42
CA VAL B 340 -12.79 19.10 -33.67
C VAL B 340 -12.93 18.79 -32.19
N ARG B 341 -14.17 18.69 -31.70
CA ARG B 341 -14.38 18.33 -30.30
C ARG B 341 -13.98 16.88 -30.02
N GLN B 342 -14.42 15.95 -30.88
CA GLN B 342 -14.00 14.57 -30.65
C GLN B 342 -12.50 14.38 -30.87
N PHE B 343 -11.86 15.29 -31.62
CA PHE B 343 -10.41 15.28 -31.77
C PHE B 343 -9.72 15.82 -30.53
N ASN B 344 -10.31 16.84 -29.90
CA ASN B 344 -9.74 17.40 -28.68
C ASN B 344 -9.88 16.42 -27.52
N GLN B 345 -10.94 15.61 -27.53
CA GLN B 345 -11.23 14.72 -26.41
C GLN B 345 -10.05 13.83 -26.01
N PRO B 346 -9.34 13.16 -26.92
CA PRO B 346 -8.21 12.32 -26.46
C PRO B 346 -7.03 13.13 -25.94
N LEU B 347 -6.71 14.24 -26.59
CA LEU B 347 -5.51 15.00 -26.23
C LEU B 347 -5.59 15.57 -24.81
N THR B 348 -6.77 15.62 -24.22
CA THR B 348 -6.89 16.15 -22.86
C THR B 348 -6.14 15.29 -21.85
N GLN B 349 -6.16 13.96 -22.04
CA GLN B 349 -5.46 13.05 -21.14
C GLN B 349 -4.55 12.09 -21.90
N VAL B 350 -4.15 12.44 -23.13
CA VAL B 350 -3.14 11.64 -23.83
C VAL B 350 -1.85 11.58 -23.03
N ALA B 351 -1.50 12.65 -22.31
CA ALA B 351 -0.33 12.61 -21.44
C ALA B 351 -0.56 11.63 -20.30
N GLY B 352 -1.77 11.58 -19.75
CA GLY B 352 -2.06 10.61 -18.71
C GLY B 352 -1.91 9.19 -19.19
N MET B 353 -2.48 8.89 -20.37
CA MET B 353 -2.30 7.54 -20.91
C MET B 353 -0.84 7.26 -21.21
N TYR B 354 -0.08 8.25 -21.67
CA TYR B 354 1.33 8.03 -21.99
C TYR B 354 2.12 7.68 -20.74
N ASN B 355 1.94 8.43 -19.65
CA ASN B 355 2.67 8.14 -18.43
C ASN B 355 2.24 6.81 -17.82
N THR B 356 0.94 6.52 -17.83
CA THR B 356 0.46 5.24 -17.32
C THR B 356 1.01 4.08 -18.14
N LEU B 357 1.04 4.24 -19.47
CA LEU B 357 1.58 3.21 -20.34
C LEU B 357 3.07 3.01 -20.11
N GLN B 358 3.81 4.09 -19.90
CA GLN B 358 5.24 3.95 -19.62
C GLN B 358 5.49 3.24 -18.30
N SER B 359 4.71 3.58 -17.27
CA SER B 359 4.83 2.88 -15.99
C SER B 359 4.50 1.40 -16.15
N GLY B 360 3.44 1.09 -16.90
CA GLY B 360 3.11 -0.30 -17.16
C GLY B 360 4.20 -1.01 -17.94
N ILE B 361 4.84 -0.29 -18.87
CA ILE B 361 5.95 -0.85 -19.64
C ILE B 361 7.10 -1.22 -18.72
N ALA B 362 7.47 -0.32 -17.81
CA ALA B 362 8.56 -0.59 -16.89
C ALA B 362 8.23 -1.76 -15.98
N SER B 363 7.01 -1.78 -15.44
CA SER B 363 6.61 -2.88 -14.57
C SER B 363 6.58 -4.20 -15.34
N ALA B 364 6.12 -4.18 -16.58
CA ALA B 364 6.07 -5.39 -17.40
C ALA B 364 7.46 -5.93 -17.68
N GLU B 365 8.41 -5.05 -18.03
CA GLU B 365 9.75 -5.54 -18.29
C GLU B 365 10.40 -6.07 -17.02
N ARG B 366 10.16 -5.43 -15.87
CA ARG B 366 10.67 -5.97 -14.61
C ARG B 366 10.09 -7.35 -14.33
N VAL B 367 8.78 -7.51 -14.52
CA VAL B 367 8.13 -8.79 -14.25
C VAL B 367 8.67 -9.86 -15.20
N PHE B 368 8.90 -9.50 -16.46
CA PHE B 368 9.41 -10.48 -17.42
C PHE B 368 10.85 -10.87 -17.11
N ASP B 369 11.69 -9.91 -16.67
CA ASP B 369 13.02 -10.28 -16.21
C ASP B 369 12.94 -11.20 -15.00
N LEU B 370 11.99 -10.98 -14.10
CA LEU B 370 11.80 -11.91 -12.99
C LEU B 370 11.39 -13.29 -13.50
N LEU B 371 10.50 -13.34 -14.49
CA LEU B 371 9.97 -14.60 -15.00
C LEU B 371 10.95 -15.34 -15.90
N ASP B 372 12.02 -14.69 -16.33
CA ASP B 372 13.00 -15.32 -17.22
C ASP B 372 14.26 -15.77 -16.50
N THR B 373 14.25 -15.80 -15.17
CA THR B 373 15.44 -16.22 -14.43
C THR B 373 15.52 -17.74 -14.36
N GLU B 374 16.67 -18.22 -13.89
CA GLU B 374 16.90 -19.65 -13.77
C GLU B 374 16.06 -20.25 -12.65
N GLU B 375 15.66 -21.50 -12.84
CA GLU B 375 14.83 -22.23 -11.89
C GLU B 375 15.63 -23.35 -11.24
N GLU B 376 14.95 -24.16 -10.45
CA GLU B 376 15.58 -25.32 -9.81
C GLU B 376 15.95 -26.35 -10.86
N SER B 377 16.98 -27.15 -10.54
CA SER B 377 17.58 -28.03 -11.54
C SER B 377 16.84 -29.36 -11.69
N ALA B 378 15.52 -29.29 -11.91
CA ALA B 378 14.72 -30.44 -12.33
C ALA B 378 15.00 -31.67 -11.47
N ASP B 379 14.60 -31.56 -10.21
CA ASP B 379 14.86 -32.61 -9.22
C ASP B 379 14.36 -33.96 -9.72
N SER B 380 15.27 -34.95 -9.73
CA SER B 380 14.92 -36.28 -10.20
C SER B 380 14.00 -36.96 -9.20
N PRO B 381 12.91 -37.59 -9.64
CA PRO B 381 11.97 -38.24 -8.71
C PRO B 381 12.51 -39.57 -8.17
N ARG B 382 13.65 -39.50 -7.50
CA ARG B 382 14.24 -40.71 -6.94
C ARG B 382 13.41 -41.24 -5.77
N ARG B 383 12.86 -40.34 -4.95
CA ARG B 383 11.92 -40.69 -3.89
C ARG B 383 12.57 -41.64 -2.88
N ALA B 384 13.57 -41.07 -2.19
CA ALA B 384 14.25 -41.77 -1.10
C ALA B 384 13.75 -41.26 0.25
N ASP B 385 13.64 -42.18 1.20
CA ASP B 385 13.14 -41.87 2.53
C ASP B 385 14.09 -42.45 3.57
N VAL B 386 14.02 -41.89 4.77
CA VAL B 386 14.90 -42.29 5.86
C VAL B 386 14.30 -43.48 6.60
N ARG B 387 15.16 -44.30 7.16
CA ARG B 387 14.75 -45.47 7.95
C ARG B 387 15.29 -45.46 9.36
N THR B 388 16.54 -45.03 9.55
CA THR B 388 17.17 -44.97 10.85
C THR B 388 17.52 -43.56 11.31
N GLY B 389 18.08 -42.75 10.42
CA GLY B 389 18.40 -41.38 10.77
C GLY B 389 19.88 -41.10 10.94
N ARG B 390 20.71 -41.69 10.07
CA ARG B 390 22.15 -41.43 10.09
C ARG B 390 22.48 -40.31 9.11
N VAL B 391 23.38 -39.42 9.52
CA VAL B 391 23.81 -38.30 8.71
C VAL B 391 25.33 -38.36 8.56
N GLU B 392 25.84 -37.71 7.51
CA GLU B 392 27.27 -37.73 7.23
C GLU B 392 27.61 -36.55 6.33
N PHE B 393 28.71 -35.88 6.65
CA PHE B 393 29.23 -34.77 5.85
C PHE B 393 30.66 -35.07 5.43
N GLU B 394 31.03 -34.63 4.23
CA GLU B 394 32.34 -34.96 3.66
C GLU B 394 32.92 -33.72 2.99
N HIS B 395 33.73 -32.97 3.74
CA HIS B 395 34.63 -31.96 3.19
C HIS B 395 33.90 -30.93 2.32
N VAL B 396 32.70 -30.53 2.75
CA VAL B 396 31.96 -29.51 2.01
C VAL B 396 32.62 -28.15 2.21
N SER B 397 32.70 -27.37 1.13
CA SER B 397 33.33 -26.06 1.14
C SER B 397 32.42 -25.03 0.46
N PHE B 398 31.15 -25.02 0.86
CA PHE B 398 30.16 -24.15 0.23
C PHE B 398 30.48 -22.67 0.47
N SER B 399 30.12 -21.85 -0.50
CA SER B 399 30.26 -20.40 -0.42
C SER B 399 29.06 -19.74 -1.09
N TYR B 400 28.61 -18.61 -0.52
CA TYR B 400 27.60 -17.81 -1.20
C TYR B 400 28.13 -17.30 -2.53
N VAL B 401 29.33 -16.74 -2.52
CA VAL B 401 30.01 -16.28 -3.72
C VAL B 401 31.43 -16.85 -3.66
N PRO B 402 32.03 -17.25 -4.78
CA PRO B 402 33.40 -17.75 -4.72
C PRO B 402 34.35 -16.73 -4.10
N GLY B 403 35.27 -17.24 -3.29
CA GLY B 403 36.20 -16.40 -2.54
C GLY B 403 35.90 -16.29 -1.07
N THR B 404 34.74 -16.78 -0.61
CA THR B 404 34.36 -16.72 0.80
C THR B 404 33.98 -18.11 1.27
N PRO B 405 34.96 -18.97 1.55
CA PRO B 405 34.64 -20.33 2.01
C PRO B 405 34.09 -20.34 3.41
N VAL B 406 32.81 -19.97 3.56
CA VAL B 406 32.19 -19.93 4.88
C VAL B 406 32.09 -21.32 5.50
N ILE B 407 31.85 -22.34 4.67
CA ILE B 407 31.97 -23.73 5.11
C ILE B 407 33.27 -24.28 4.56
N GLU B 408 33.93 -25.13 5.35
CA GLU B 408 35.24 -25.63 4.92
C GLU B 408 35.53 -26.96 5.62
N ASP B 409 35.68 -28.02 4.83
CA ASP B 409 36.20 -29.33 5.24
C ASP B 409 35.63 -29.80 6.59
N LEU B 410 34.31 -30.01 6.61
CA LEU B 410 33.67 -30.62 7.76
C LEU B 410 33.41 -32.10 7.49
N SER B 411 33.53 -32.91 8.53
CA SER B 411 33.32 -34.35 8.44
C SER B 411 32.54 -34.86 9.64
N LEU B 412 31.48 -34.14 10.02
CA LEU B 412 30.71 -34.53 11.19
C LEU B 412 29.97 -35.83 10.95
N VAL B 413 29.94 -36.68 11.98
CA VAL B 413 29.29 -37.98 11.92
C VAL B 413 28.33 -38.10 13.09
N ALA B 414 27.11 -38.53 12.82
CA ALA B 414 26.11 -38.73 13.86
C ALA B 414 25.36 -40.03 13.60
N GLU B 415 25.26 -40.86 14.64
CA GLU B 415 24.53 -42.11 14.55
C GLU B 415 23.03 -41.87 14.61
N PRO B 416 22.22 -42.80 14.09
CA PRO B 416 20.77 -42.65 14.21
C PRO B 416 20.33 -42.57 15.66
N GLY B 417 19.35 -41.70 15.92
CA GLY B 417 18.84 -41.50 17.25
C GLY B 417 19.67 -40.58 18.12
N SER B 418 20.77 -40.05 17.62
CA SER B 418 21.62 -39.16 18.40
C SER B 418 21.05 -37.74 18.37
N THR B 419 21.39 -36.98 19.41
CA THR B 419 20.94 -35.59 19.55
C THR B 419 22.12 -34.63 19.43
N VAL B 420 23.00 -34.89 18.46
CA VAL B 420 24.25 -34.14 18.35
C VAL B 420 23.97 -32.65 18.21
N ALA B 421 24.78 -31.85 18.90
CA ALA B 421 24.63 -30.41 18.93
C ALA B 421 25.92 -29.74 18.46
N ILE B 422 25.80 -28.48 18.08
CA ILE B 422 26.91 -27.69 17.56
C ILE B 422 26.93 -26.35 18.30
N VAL B 423 28.13 -25.84 18.57
CA VAL B 423 28.30 -24.53 19.20
C VAL B 423 29.23 -23.70 18.33
N GLY B 424 28.92 -22.41 18.22
CA GLY B 424 29.75 -21.48 17.48
C GLY B 424 29.30 -20.05 17.64
N PRO B 425 30.19 -19.11 17.29
CA PRO B 425 29.84 -17.70 17.37
C PRO B 425 28.77 -17.33 16.34
N THR B 426 28.06 -16.24 16.65
CA THR B 426 27.00 -15.78 15.77
C THR B 426 27.57 -15.36 14.41
N GLY B 427 26.89 -15.76 13.35
CA GLY B 427 27.34 -15.43 12.01
C GLY B 427 28.43 -16.31 11.47
N ALA B 428 28.77 -17.40 12.16
CA ALA B 428 29.88 -18.24 11.73
C ALA B 428 29.53 -19.16 10.57
N GLY B 429 28.23 -19.35 10.28
CA GLY B 429 27.85 -20.19 9.16
C GLY B 429 26.93 -21.33 9.52
N LYS B 430 26.26 -21.21 10.67
CA LYS B 430 25.34 -22.26 11.11
C LYS B 430 24.14 -22.36 10.18
N THR B 431 23.48 -21.23 9.91
CA THR B 431 22.30 -21.24 9.06
C THR B 431 22.66 -21.72 7.65
N THR B 432 23.87 -21.42 7.19
CA THR B 432 24.32 -21.96 5.91
C THR B 432 24.36 -23.48 5.94
N LEU B 433 24.87 -24.05 7.05
CA LEU B 433 24.92 -25.50 7.17
C LEU B 433 23.52 -26.11 7.16
N VAL B 434 22.59 -25.51 7.91
CA VAL B 434 21.25 -26.09 7.97
C VAL B 434 20.54 -25.93 6.63
N ASN B 435 20.84 -24.85 5.89
CA ASN B 435 20.28 -24.71 4.55
C ASN B 435 20.85 -25.75 3.60
N LEU B 436 22.15 -26.02 3.72
CA LEU B 436 22.77 -27.06 2.89
C LEU B 436 22.16 -28.42 3.18
N LEU B 437 21.85 -28.70 4.45
CA LEU B 437 21.11 -29.92 4.77
C LEU B 437 19.74 -29.93 4.10
N MET B 438 19.19 -28.75 3.82
CA MET B 438 17.87 -28.63 3.24
C MET B 438 17.90 -28.56 1.71
N ARG B 439 19.07 -28.68 1.10
CA ARG B 439 19.29 -28.44 -0.33
C ARG B 439 18.83 -27.05 -0.76
N PHE B 440 18.78 -26.11 0.18
CA PHE B 440 18.47 -24.73 -0.19
C PHE B 440 19.57 -24.15 -1.07
N TYR B 441 20.82 -24.53 -0.79
CA TYR B 441 21.96 -24.22 -1.63
C TYR B 441 22.69 -25.51 -1.98
N ASP B 442 23.27 -25.55 -3.17
CA ASP B 442 23.93 -26.76 -3.62
C ASP B 442 25.25 -26.97 -2.88
N VAL B 443 25.76 -28.20 -2.97
CA VAL B 443 27.03 -28.55 -2.33
C VAL B 443 28.17 -28.09 -3.22
N ASP B 444 29.31 -27.77 -2.60
CA ASP B 444 30.50 -27.32 -3.30
C ASP B 444 31.67 -28.21 -2.90
N SER B 445 32.06 -29.11 -3.81
CA SER B 445 33.19 -30.01 -3.60
C SER B 445 33.05 -30.83 -2.33
N GLY B 446 31.82 -31.24 -2.01
CA GLY B 446 31.57 -32.03 -0.82
C GLY B 446 30.49 -33.07 -1.07
N ARG B 447 30.40 -34.01 -0.15
CA ARG B 447 29.39 -35.06 -0.19
C ARG B 447 28.65 -35.09 1.13
N ILE B 448 27.32 -35.12 1.07
CA ILE B 448 26.47 -35.21 2.24
C ILE B 448 25.51 -36.37 2.01
N THR B 449 25.33 -37.21 3.04
CA THR B 449 24.49 -38.38 2.93
C THR B 449 23.55 -38.49 4.12
N ILE B 450 22.34 -38.98 3.87
CA ILE B 450 21.37 -39.32 4.91
C ILE B 450 21.16 -40.81 4.85
N ASP B 451 21.43 -41.50 5.96
CA ASP B 451 21.29 -42.95 6.04
C ASP B 451 22.11 -43.66 4.97
N GLY B 452 23.26 -43.10 4.61
CA GLY B 452 24.18 -43.72 3.69
C GLY B 452 23.92 -43.47 2.21
N VAL B 453 22.97 -42.61 1.86
CA VAL B 453 22.70 -42.29 0.47
C VAL B 453 22.82 -40.78 0.28
N ASP B 454 23.47 -40.38 -0.81
CA ASP B 454 23.71 -38.97 -1.08
C ASP B 454 22.39 -38.26 -1.37
N ILE B 455 22.24 -37.08 -0.78
CA ILE B 455 21.03 -36.28 -1.01
C ILE B 455 20.95 -35.80 -2.44
N ALA B 456 22.09 -35.48 -3.07
CA ALA B 456 22.09 -34.95 -4.42
C ALA B 456 21.43 -35.91 -5.41
N SER B 457 21.36 -37.19 -5.08
CA SER B 457 20.64 -38.17 -5.88
C SER B 457 19.20 -38.35 -5.42
N VAL B 458 18.73 -37.56 -4.44
CA VAL B 458 17.41 -37.69 -3.88
C VAL B 458 16.57 -36.49 -4.28
N SER B 459 15.28 -36.73 -4.54
CA SER B 459 14.35 -35.64 -4.83
C SER B 459 14.24 -34.71 -3.63
N ARG B 460 14.18 -33.40 -3.91
CA ARG B 460 14.21 -32.41 -2.83
C ARG B 460 12.91 -32.41 -2.02
N GLU B 461 11.76 -32.55 -2.68
CA GLU B 461 10.49 -32.46 -1.96
C GLU B 461 10.30 -33.64 -1.01
N SER B 462 10.67 -34.85 -1.45
CA SER B 462 10.56 -36.02 -0.58
C SER B 462 11.47 -35.90 0.63
N LEU B 463 12.68 -35.36 0.43
CA LEU B 463 13.56 -35.09 1.54
C LEU B 463 12.93 -34.10 2.51
N ARG B 464 12.51 -32.95 1.99
CA ARG B 464 12.02 -31.88 2.85
C ARG B 464 10.76 -32.27 3.61
N ALA B 465 9.94 -33.15 3.02
CA ALA B 465 8.74 -33.60 3.72
C ALA B 465 9.04 -34.42 4.96
N SER B 466 10.30 -34.86 5.15
CA SER B 466 10.66 -35.74 6.25
C SER B 466 11.65 -35.15 7.24
N ILE B 467 12.21 -33.97 6.95
CA ILE B 467 13.26 -33.43 7.82
C ILE B 467 12.66 -32.80 9.06
N GLY B 468 11.89 -31.73 8.88
CA GLY B 468 11.44 -30.93 10.01
C GLY B 468 12.50 -29.89 10.34
N MET B 469 12.16 -28.61 10.27
CA MET B 469 13.19 -27.58 10.37
C MET B 469 12.60 -26.30 10.94
N VAL B 470 13.38 -25.63 11.78
CA VAL B 470 13.03 -24.33 12.34
C VAL B 470 14.25 -23.44 12.29
N LEU B 471 14.04 -22.16 12.00
CA LEU B 471 15.13 -21.22 11.78
C LEU B 471 15.44 -20.43 13.04
N GLN B 472 16.41 -19.52 12.92
CA GLN B 472 16.69 -18.57 14.00
C GLN B 472 15.48 -17.69 14.26
N ASP B 473 14.84 -17.21 13.22
CA ASP B 473 13.66 -16.37 13.31
C ASP B 473 12.41 -17.18 12.99
N THR B 474 11.27 -16.65 13.40
CA THR B 474 9.98 -17.28 13.17
C THR B 474 9.28 -16.68 11.96
N TRP B 475 8.41 -17.47 11.36
CA TRP B 475 7.58 -17.01 10.26
C TRP B 475 6.13 -17.36 10.56
N LEU B 476 5.24 -16.39 10.33
CA LEU B 476 3.82 -16.55 10.61
C LEU B 476 3.03 -15.88 9.50
N PHE B 477 1.95 -16.53 9.08
CA PHE B 477 1.11 -16.04 8.00
C PHE B 477 -0.28 -15.69 8.52
N ALA B 478 -0.98 -14.86 7.76
CA ALA B 478 -2.28 -14.37 8.18
C ALA B 478 -3.25 -15.52 8.45
N GLY B 479 -3.90 -15.46 9.59
CA GLY B 479 -4.80 -16.51 10.01
C GLY B 479 -4.78 -16.65 11.51
N THR B 480 -5.43 -17.71 11.99
CA THR B 480 -5.46 -17.98 13.42
C THR B 480 -4.23 -18.77 13.83
N ILE B 481 -4.00 -18.81 15.16
CA ILE B 481 -2.91 -19.63 15.68
C ILE B 481 -3.17 -21.10 15.36
N TYR B 482 -4.44 -21.52 15.40
CA TYR B 482 -4.78 -22.89 15.02
C TYR B 482 -4.37 -23.17 13.59
N ASP B 483 -4.61 -22.23 12.68
CA ASP B 483 -4.21 -22.42 11.29
C ASP B 483 -2.70 -22.53 11.16
N ASN B 484 -1.97 -21.68 11.89
CA ASN B 484 -0.51 -21.72 11.82
C ASN B 484 0.03 -23.05 12.34
N ILE B 485 -0.57 -23.58 13.41
CA ILE B 485 -0.14 -24.87 13.92
C ILE B 485 -0.48 -25.98 12.93
N ALA B 486 -1.71 -25.98 12.41
CA ALA B 486 -2.16 -27.02 11.49
C ALA B 486 -1.47 -26.96 10.14
N TYR B 487 -0.79 -25.85 9.83
CA TYR B 487 -0.05 -25.77 8.58
C TYR B 487 0.99 -26.88 8.44
N GLY B 488 1.47 -27.42 9.56
CA GLY B 488 2.39 -28.54 9.50
C GLY B 488 1.78 -29.78 8.88
N ARG B 489 0.50 -30.01 9.12
CA ARG B 489 -0.21 -31.14 8.55
C ARG B 489 -1.71 -30.82 8.48
N PRO B 490 -2.18 -30.29 7.35
CA PRO B 490 -3.58 -29.81 7.31
C PRO B 490 -4.63 -30.88 7.55
N ASP B 491 -4.38 -32.12 7.14
CA ASP B 491 -5.38 -33.17 7.30
C ASP B 491 -5.35 -33.80 8.69
N ALA B 492 -4.75 -33.15 9.66
CA ALA B 492 -4.78 -33.61 11.05
C ALA B 492 -6.10 -33.18 11.68
N ASP B 493 -6.22 -33.33 13.00
CA ASP B 493 -7.43 -33.00 13.72
C ASP B 493 -7.10 -32.08 14.89
N GLU B 494 -8.14 -31.42 15.40
CA GLU B 494 -7.95 -30.48 16.50
C GLU B 494 -7.44 -31.17 17.76
N ASP B 495 -7.79 -32.45 17.96
CA ASP B 495 -7.23 -33.20 19.07
C ASP B 495 -5.71 -33.33 18.94
N GLU B 496 -5.24 -33.67 17.73
CA GLU B 496 -3.80 -33.72 17.49
C GLU B 496 -3.18 -32.34 17.63
N VAL B 497 -3.88 -31.31 17.17
CA VAL B 497 -3.36 -29.94 17.27
C VAL B 497 -3.16 -29.56 18.73
N ILE B 498 -4.15 -29.84 19.57
CA ILE B 498 -4.02 -29.47 20.98
C ILE B 498 -3.00 -30.36 21.68
N GLU B 499 -2.86 -31.62 21.25
CA GLU B 499 -1.82 -32.47 21.82
C GLU B 499 -0.43 -31.89 21.53
N ALA B 500 -0.19 -31.49 20.28
CA ALA B 500 1.07 -30.86 19.93
C ALA B 500 1.25 -29.53 20.64
N ALA B 501 0.14 -28.80 20.84
CA ALA B 501 0.20 -27.53 21.55
C ALA B 501 0.66 -27.72 23.00
N THR B 502 0.05 -28.69 23.68
CA THR B 502 0.49 -29.03 25.03
C THR B 502 1.92 -29.53 25.05
N ALA B 503 2.33 -30.26 24.00
CA ALA B 503 3.72 -30.69 23.92
C ALA B 503 4.67 -29.51 23.80
N ALA B 504 4.28 -28.48 23.05
CA ALA B 504 5.13 -27.32 22.83
C ALA B 504 4.88 -26.19 23.83
N TYR B 505 3.97 -26.38 24.78
CA TYR B 505 3.71 -25.47 25.89
C TYR B 505 3.11 -24.13 25.45
N VAL B 506 2.63 -24.02 24.21
CA VAL B 506 1.91 -22.82 23.80
C VAL B 506 0.59 -22.70 24.54
N ASP B 507 0.06 -23.82 25.05
CA ASP B 507 -1.19 -23.80 25.81
C ASP B 507 -1.08 -22.96 27.07
N ARG B 508 0.13 -22.82 27.63
CA ARG B 508 0.28 -22.09 28.87
C ARG B 508 -0.08 -20.62 28.73
N PHE B 509 -0.13 -20.09 27.51
CA PHE B 509 -0.47 -18.70 27.29
C PHE B 509 -1.54 -18.49 26.21
N VAL B 510 -1.88 -19.51 25.42
CA VAL B 510 -2.84 -19.28 24.34
C VAL B 510 -4.21 -18.93 24.91
N HIS B 511 -4.57 -19.51 26.05
CA HIS B 511 -5.83 -19.15 26.70
C HIS B 511 -5.79 -17.74 27.26
N THR B 512 -4.59 -17.21 27.55
CA THR B 512 -4.46 -15.83 27.99
C THR B 512 -4.82 -14.85 26.87
N LEU B 513 -4.72 -15.28 25.62
CA LEU B 513 -5.07 -14.44 24.49
C LEU B 513 -6.59 -14.23 24.44
N PRO B 514 -7.05 -13.22 23.71
CA PRO B 514 -8.50 -12.94 23.68
C PRO B 514 -9.36 -14.13 23.28
N ASN B 515 -8.90 -14.96 22.34
CA ASN B 515 -9.59 -16.19 22.01
C ASN B 515 -8.57 -17.23 21.59
N GLY B 516 -8.43 -18.29 22.39
CA GLY B 516 -7.43 -19.32 22.17
C GLY B 516 -7.54 -20.00 20.82
N TYR B 517 -6.40 -20.17 20.16
CA TYR B 517 -6.31 -20.84 18.86
C TYR B 517 -7.08 -20.06 17.79
N ASP B 518 -7.56 -18.86 18.13
CA ASP B 518 -8.39 -18.08 17.22
C ASP B 518 -7.86 -16.67 16.97
N THR B 519 -6.88 -16.21 17.74
CA THR B 519 -6.33 -14.88 17.51
C THR B 519 -5.71 -14.79 16.13
N ARG B 520 -6.03 -13.71 15.41
CA ARG B 520 -5.39 -13.44 14.13
C ARG B 520 -3.95 -13.04 14.38
N VAL B 521 -3.01 -13.90 14.01
CA VAL B 521 -1.61 -13.65 14.35
C VAL B 521 -1.08 -12.44 13.60
N ASP B 522 -1.63 -12.14 12.42
CA ASP B 522 -1.28 -10.90 11.73
C ASP B 522 -1.82 -9.68 12.46
N ASP B 523 -2.78 -9.85 13.36
CA ASP B 523 -3.29 -8.78 14.22
C ASP B 523 -2.68 -8.99 15.60
N ASP B 524 -1.55 -8.32 15.84
CA ASP B 524 -0.80 -8.52 17.08
C ASP B 524 -1.67 -8.24 18.29
N GLY B 525 -1.64 -9.16 19.25
CA GLY B 525 -2.37 -9.01 20.49
C GLY B 525 -1.61 -8.33 21.60
N GLY B 526 -0.41 -7.83 21.32
CA GLY B 526 0.42 -7.21 22.35
C GLY B 526 1.16 -8.18 23.22
N ALA B 527 0.44 -9.15 23.81
CA ALA B 527 1.08 -10.17 24.63
C ALA B 527 1.80 -11.22 23.82
N ILE B 528 1.69 -11.19 22.49
CA ILE B 528 2.34 -12.18 21.62
C ILE B 528 3.72 -11.65 21.28
N SER B 529 4.71 -12.04 22.09
CA SER B 529 6.08 -11.61 21.89
C SER B 529 6.85 -12.65 21.06
N ALA B 530 8.13 -12.37 20.84
CA ALA B 530 8.93 -13.18 19.91
C ALA B 530 9.11 -14.61 20.41
N GLY B 531 9.34 -14.78 21.72
CA GLY B 531 9.59 -16.12 22.24
C GLY B 531 8.41 -17.06 22.02
N GLU B 532 7.20 -16.59 22.32
CA GLU B 532 6.04 -17.42 22.09
C GLU B 532 5.72 -17.60 20.62
N LYS B 533 6.14 -16.66 19.76
CA LYS B 533 6.10 -16.93 18.32
C LYS B 533 7.01 -18.09 17.95
N GLN B 534 8.20 -18.14 18.55
CA GLN B 534 9.09 -19.28 18.35
C GLN B 534 8.43 -20.56 18.84
N LEU B 535 7.73 -20.49 19.97
CA LEU B 535 6.99 -21.65 20.47
C LEU B 535 5.92 -22.10 19.48
N ILE B 536 5.19 -21.14 18.88
CA ILE B 536 4.21 -21.48 17.87
C ILE B 536 4.88 -22.19 16.70
N THR B 537 6.02 -21.68 16.25
CA THR B 537 6.70 -22.27 15.10
C THR B 537 7.19 -23.67 15.40
N ILE B 538 7.77 -23.89 16.59
CA ILE B 538 8.27 -25.23 16.92
C ILE B 538 7.10 -26.19 17.09
N ALA B 539 5.96 -25.69 17.59
CA ALA B 539 4.76 -26.53 17.63
C ALA B 539 4.34 -26.95 16.23
N ARG B 540 4.35 -26.01 15.30
CA ARG B 540 4.05 -26.34 13.90
C ARG B 540 4.98 -27.41 13.38
N ALA B 541 6.27 -27.31 13.73
CA ALA B 541 7.22 -28.34 13.33
C ALA B 541 6.92 -29.67 13.99
N VAL B 542 6.46 -29.64 15.25
CA VAL B 542 6.17 -30.87 15.99
C VAL B 542 5.02 -31.62 15.33
N LEU B 543 3.98 -30.90 14.91
CA LEU B 543 2.80 -31.57 14.36
C LEU B 543 3.16 -32.48 13.18
N ALA B 544 4.13 -32.07 12.36
CA ALA B 544 4.53 -32.86 11.20
C ALA B 544 5.23 -34.16 11.57
N ARG B 545 5.45 -34.44 12.86
CA ARG B 545 6.14 -35.62 13.34
C ARG B 545 7.42 -35.95 12.57
N PRO B 546 8.38 -35.02 12.53
CA PRO B 546 9.58 -35.24 11.73
C PRO B 546 10.50 -36.28 12.36
N LYS B 547 11.37 -36.84 11.52
CA LYS B 547 12.33 -37.85 11.94
C LYS B 547 13.77 -37.34 11.96
N LEU B 548 14.02 -36.14 11.43
CA LEU B 548 15.36 -35.57 11.34
C LEU B 548 15.35 -34.13 11.82
N LEU B 549 14.76 -33.92 13.00
CA LEU B 549 14.56 -32.57 13.53
C LEU B 549 15.88 -31.81 13.64
N VAL B 550 15.84 -30.54 13.28
CA VAL B 550 16.97 -29.62 13.46
C VAL B 550 16.46 -28.38 14.17
N LEU B 551 17.17 -27.96 15.21
CA LEU B 551 16.79 -26.81 16.03
C LEU B 551 17.88 -25.76 15.90
N ASP B 552 17.70 -24.84 14.96
CA ASP B 552 18.69 -23.79 14.69
C ASP B 552 18.27 -22.52 15.43
N GLU B 553 18.72 -22.40 16.68
CA GLU B 553 18.44 -21.23 17.51
C GLU B 553 16.94 -20.95 17.62
N ALA B 554 16.13 -22.02 17.65
CA ALA B 554 14.69 -21.85 17.72
C ALA B 554 14.22 -21.37 19.08
N THR B 555 15.08 -21.39 20.09
CA THR B 555 14.72 -21.04 21.45
C THR B 555 15.50 -19.83 21.97
N SER B 556 15.89 -18.94 21.06
CA SER B 556 16.70 -17.78 21.46
C SER B 556 15.92 -16.85 22.37
N SER B 557 14.64 -16.60 22.06
CA SER B 557 13.84 -15.61 22.76
C SER B 557 12.97 -16.22 23.85
N VAL B 558 13.32 -17.42 24.33
CA VAL B 558 12.55 -18.07 25.38
C VAL B 558 13.50 -18.39 26.53
N ASP B 559 12.92 -18.56 27.72
CA ASP B 559 13.70 -18.87 28.90
C ASP B 559 14.39 -20.22 28.75
N THR B 560 15.50 -20.39 29.49
CA THR B 560 16.25 -21.63 29.42
C THR B 560 15.46 -22.80 30.00
N ARG B 561 14.64 -22.57 31.02
CA ARG B 561 13.89 -23.66 31.62
C ARG B 561 12.92 -24.29 30.62
N THR B 562 12.18 -23.44 29.90
CA THR B 562 11.25 -23.95 28.90
C THR B 562 11.99 -24.73 27.82
N GLU B 563 13.16 -24.23 27.42
CA GLU B 563 13.95 -24.93 26.42
C GLU B 563 14.36 -26.31 26.92
N LEU B 564 14.86 -26.42 28.15
CA LEU B 564 15.26 -27.72 28.67
C LEU B 564 14.07 -28.68 28.77
N LEU B 565 12.93 -28.21 29.28
CA LEU B 565 11.78 -29.11 29.34
C LEU B 565 11.32 -29.55 27.95
N ILE B 566 11.20 -28.63 27.00
CA ILE B 566 10.70 -29.03 25.69
C ILE B 566 11.70 -29.95 24.99
N ALA B 567 13.00 -29.68 25.14
CA ALA B 567 14.01 -30.53 24.54
C ALA B 567 13.95 -31.94 25.14
N HIS B 568 13.98 -32.03 26.47
CA HIS B 568 13.86 -33.34 27.10
C HIS B 568 12.56 -34.03 26.72
N ALA B 569 11.51 -33.27 26.40
CA ALA B 569 10.23 -33.86 26.04
C ALA B 569 10.27 -34.47 24.65
N MET B 570 10.80 -33.75 23.66
CA MET B 570 10.57 -34.15 22.26
C MET B 570 11.84 -34.49 21.49
N ALA B 571 13.02 -34.36 22.08
CA ALA B 571 14.26 -34.80 21.43
C ALA B 571 14.99 -35.87 22.21
N GLU B 572 15.26 -35.64 23.50
CA GLU B 572 15.92 -36.64 24.32
C GLU B 572 15.00 -37.83 24.56
N LEU B 573 13.75 -37.56 24.91
CA LEU B 573 12.78 -38.64 25.11
C LEU B 573 12.52 -39.39 23.81
N ARG B 574 12.40 -38.66 22.70
CA ARG B 574 12.14 -39.27 21.39
C ARG B 574 13.44 -39.88 20.86
N ARG B 575 13.80 -41.02 21.47
CA ARG B 575 15.00 -41.75 21.06
C ARG B 575 14.84 -42.39 19.67
N ASP B 576 13.62 -42.46 19.15
CA ASP B 576 13.36 -43.08 17.86
C ASP B 576 13.85 -42.22 16.68
N ARG B 577 14.24 -40.97 16.94
CA ARG B 577 14.70 -40.09 15.87
C ARG B 577 15.96 -39.36 16.32
N THR B 578 16.78 -39.00 15.35
CA THR B 578 17.94 -38.17 15.64
C THR B 578 17.56 -36.69 15.54
N SER B 579 18.44 -35.84 16.07
CA SER B 579 18.12 -34.42 16.13
C SER B 579 19.39 -33.59 16.13
N PHE B 580 19.29 -32.38 15.58
CA PHE B 580 20.33 -31.37 15.66
C PHE B 580 19.83 -30.23 16.53
N ILE B 581 20.64 -29.81 17.50
CA ILE B 581 20.29 -28.73 18.40
C ILE B 581 21.35 -27.65 18.28
N ILE B 582 20.91 -26.41 18.05
CA ILE B 582 21.78 -25.26 17.96
C ILE B 582 21.28 -24.21 18.94
N ALA B 583 22.14 -23.79 19.86
CA ALA B 583 21.78 -22.77 20.83
C ALA B 583 23.04 -22.02 21.23
N HIS B 584 22.86 -20.77 21.64
CA HIS B 584 23.95 -19.92 22.09
C HIS B 584 24.24 -20.06 23.57
N ARG B 585 23.45 -20.84 24.29
CA ARG B 585 23.67 -21.08 25.72
C ARG B 585 24.07 -22.54 25.90
N LEU B 586 25.22 -22.76 26.54
CA LEU B 586 25.77 -24.11 26.63
C LEU B 586 24.95 -24.99 27.55
N SER B 587 24.44 -24.42 28.66
CA SER B 587 23.63 -25.18 29.59
C SER B 587 22.32 -25.65 28.98
N THR B 588 21.90 -25.04 27.86
CA THR B 588 20.69 -25.49 27.18
C THR B 588 20.92 -26.80 26.42
N ILE B 589 22.17 -27.10 26.04
CA ILE B 589 22.46 -28.30 25.28
C ILE B 589 23.43 -29.23 26.00
N ARG B 590 23.76 -28.94 27.26
CA ARG B 590 24.63 -29.83 28.01
C ARG B 590 24.06 -31.25 28.07
N ASP B 591 24.94 -32.24 27.90
CA ASP B 591 24.57 -33.65 27.90
C ASP B 591 23.55 -33.95 26.79
N ALA B 592 23.98 -33.78 25.55
CA ALA B 592 23.14 -33.98 24.39
C ALA B 592 23.88 -34.78 23.31
N ASP B 593 24.50 -35.89 23.72
CA ASP B 593 25.05 -36.88 22.79
C ASP B 593 26.05 -36.25 21.82
N LEU B 594 27.17 -35.79 22.40
CA LEU B 594 28.32 -35.25 21.68
C LEU B 594 28.01 -33.87 21.11
N ILE B 595 28.99 -32.98 21.16
CA ILE B 595 28.82 -31.57 20.80
C ILE B 595 29.91 -31.19 19.81
N LEU B 596 29.55 -30.38 18.82
CA LEU B 596 30.49 -29.85 17.83
C LEU B 596 30.80 -28.40 18.15
N VAL B 597 32.03 -27.97 17.83
CA VAL B 597 32.47 -26.60 18.04
C VAL B 597 32.97 -26.09 16.69
N MET B 598 32.19 -25.22 16.05
CA MET B 598 32.50 -24.70 14.73
C MET B 598 32.79 -23.20 14.83
N ASP B 599 33.86 -22.76 14.17
CA ASP B 599 34.34 -21.38 14.27
C ASP B 599 34.51 -20.84 12.84
N SER B 600 33.47 -20.18 12.33
CA SER B 600 33.46 -19.67 10.96
C SER B 600 33.81 -20.77 9.97
N GLY B 601 32.95 -21.79 9.95
CA GLY B 601 33.32 -23.00 9.27
C GLY B 601 34.45 -23.67 10.04
N ARG B 602 35.19 -24.52 9.33
CA ARG B 602 36.40 -25.14 9.87
C ARG B 602 36.13 -25.78 11.24
N ILE B 603 35.28 -26.82 11.20
CA ILE B 603 34.84 -27.47 12.43
C ILE B 603 36.05 -27.86 13.26
N ILE B 604 36.05 -27.47 14.53
CA ILE B 604 37.25 -27.55 15.35
C ILE B 604 37.34 -28.90 16.06
N GLU B 605 36.37 -29.18 16.93
CA GLU B 605 36.47 -30.34 17.79
C GLU B 605 35.08 -30.94 18.02
N ARG B 606 35.06 -32.23 18.34
CA ARG B 606 33.82 -32.94 18.63
C ARG B 606 34.03 -33.78 19.88
N GLY B 607 32.93 -34.07 20.55
CA GLY B 607 32.97 -34.89 21.75
C GLY B 607 31.79 -34.58 22.65
N THR B 608 31.61 -35.45 23.64
CA THR B 608 30.53 -35.28 24.60
C THR B 608 30.88 -34.18 25.60
N HIS B 609 29.89 -33.83 26.42
CA HIS B 609 30.01 -32.73 27.38
C HIS B 609 31.29 -32.85 28.21
N GLU B 610 31.40 -33.93 28.98
CA GLU B 610 32.53 -34.08 29.89
C GLU B 610 33.85 -34.21 29.14
N GLU B 611 33.86 -35.02 28.09
CA GLU B 611 35.09 -35.22 27.33
C GLU B 611 35.54 -33.92 26.65
N LEU B 612 34.59 -33.17 26.10
CA LEU B 612 34.95 -31.94 25.41
C LEU B 612 35.42 -30.87 26.38
N LEU B 613 34.82 -30.80 27.57
CA LEU B 613 35.29 -29.83 28.55
C LEU B 613 36.63 -30.24 29.14
N ALA B 614 36.90 -31.55 29.22
CA ALA B 614 38.12 -32.02 29.85
C ALA B 614 39.35 -31.80 28.98
N ARG B 615 39.19 -31.56 27.68
CA ARG B 615 40.32 -31.41 26.77
C ARG B 615 40.75 -29.97 26.59
N HIS B 616 40.14 -29.03 27.33
CA HIS B 616 40.55 -27.63 27.31
C HIS B 616 40.44 -27.01 25.93
N GLY B 617 39.35 -27.30 25.23
CA GLY B 617 39.09 -26.71 23.94
C GLY B 617 38.45 -25.34 24.06
N ARG B 618 38.07 -24.78 22.91
CA ARG B 618 37.38 -23.50 22.91
C ARG B 618 36.02 -23.60 23.61
N TYR B 619 35.40 -24.79 23.56
CA TYR B 619 34.20 -25.03 24.35
C TYR B 619 34.49 -24.88 25.84
N TRP B 620 35.61 -25.45 26.30
CA TRP B 620 36.02 -25.27 27.67
C TRP B 620 36.28 -23.80 27.98
N GLU B 621 36.88 -23.08 27.03
CA GLU B 621 37.12 -21.65 27.21
C GLU B 621 35.81 -20.90 27.42
N MET B 622 34.84 -21.10 26.54
CA MET B 622 33.59 -20.34 26.62
C MET B 622 32.78 -20.73 27.85
N THR B 623 32.82 -22.02 28.24
CA THR B 623 32.12 -22.41 29.45
C THR B 623 32.78 -21.81 30.69
N ARG B 624 34.11 -21.79 30.73
CA ARG B 624 34.82 -21.27 31.89
C ARG B 624 34.75 -19.74 31.95
N VAL B 625 34.95 -19.09 30.82
CA VAL B 625 35.07 -17.62 30.81
C VAL B 625 33.73 -16.97 31.13
N HIS B 626 32.65 -17.42 30.48
CA HIS B 626 31.37 -16.74 30.60
C HIS B 626 30.77 -16.94 31.99
N LEU B 627 30.78 -18.18 32.49
CA LEU B 627 30.16 -18.45 33.78
C LEU B 627 30.90 -17.73 34.91
N GLY B 628 32.22 -17.69 34.85
CA GLY B 628 33.02 -17.03 35.87
C GLY B 628 33.09 -15.53 35.77
N GLY B 629 32.50 -14.93 34.73
CA GLY B 629 32.53 -13.49 34.58
C GLY B 629 33.90 -12.93 34.27
N ILE B 630 34.78 -13.72 33.68
CA ILE B 630 36.13 -13.30 33.36
C ILE B 630 36.15 -12.68 31.97
N LYS B 631 36.92 -11.61 31.80
CA LYS B 631 37.10 -10.98 30.49
C LYS B 631 38.53 -10.50 30.32
PB ADP C . 24.70 -18.23 12.47
O1B ADP C . 23.62 -19.12 11.92
O2B ADP C . 25.52 -18.85 13.57
O3B ADP C . 24.25 -16.82 12.76
PA ADP C . 25.15 -17.82 9.77
O1A ADP C . 24.84 -19.16 9.16
O2A ADP C . 24.08 -16.76 9.85
O3A ADP C . 25.73 -18.08 11.25
O5' ADP C . 26.40 -17.20 8.98
C5' ADP C . 26.28 -17.02 7.58
C4' ADP C . 27.36 -16.08 7.03
O4' ADP C . 27.22 -16.02 5.61
C3' ADP C . 27.19 -14.68 7.58
O3' ADP C . 28.39 -14.28 8.25
C2' ADP C . 26.96 -13.78 6.38
O2' ADP C . 27.98 -12.78 6.30
C1' ADP C . 27.02 -14.68 5.16
N9 ADP C . 25.72 -14.61 4.45
C8 ADP C . 24.52 -14.96 4.97
N7 ADP C . 23.53 -14.78 4.07
C5 ADP C . 24.09 -14.31 2.94
C6 ADP C . 23.60 -13.90 1.60
N6 ADP C . 22.29 -13.97 1.28
N1 ADP C . 24.52 -13.46 0.71
C2 ADP C . 25.82 -13.39 1.01
N3 ADP C . 26.33 -13.74 2.21
C4 ADP C . 25.53 -14.19 3.19
#